data_1PYA
#
_entry.id   1PYA
#
_cell.length_a   221.700
_cell.length_b   221.700
_cell.length_c   107.100
_cell.angle_alpha   90.00
_cell.angle_beta   90.00
_cell.angle_gamma   90.00
#
_symmetry.space_group_name_H-M   'I 41 2 2'
#
loop_
_entity.id
_entity.type
_entity.pdbx_description
1 polymer 'PYRUVOYL-DEPENDENT HISTIDINE DECARBOXYLASE (L-HISTIDINE CARBOXYLASE)'
2 polymer 'PYRUVOYL-DEPENDENT HISTIDINE DECARBOXYLASE (L-HISTIDINE CARBOXYLASE)'
3 water water
#
loop_
_entity_poly.entity_id
_entity_poly.type
_entity_poly.pdbx_seq_one_letter_code
_entity_poly.pdbx_strand_id
1 'polypeptide(L)'
;SELDAKLNKLGVDRIAISPYKQWTRGYMEPGNIGNGYVTGLKVDAGVRDKSDDDVLDGIVSYDRAETKNAYIGQINMTTA
S
;
A,C,E
2 'polypeptide(L)'
;(PYR)FTGVQGRVIGYDILRSPEVDKAKPLFTETQWDGSELPIYDAKPLQDALVEYFGTEQDRRHYPAPGSFIVCANKGV
TAERPKNDADMKPGQGYGVWSAIAISFAKDPTKDSSMFVEDAGVWETPNEDELLEYLEGRRKAMAKSIAECGQDAHASFE
SSWIGFAYTMMEPGQIGNAITVAPYVSLPIDSIPGGSILTPDKDMEIMENLTMPEWLEKMGYKSLSANNALKY
;
B,D,F
#
# COMPACT_ATOMS: atom_id res chain seq x y z
N SER A 1 2.74 -6.23 30.57
CA SER A 1 3.93 -6.89 31.08
C SER A 1 4.81 -5.77 31.60
N GLU A 2 5.99 -5.99 32.19
CA GLU A 2 6.89 -4.93 32.66
C GLU A 2 7.36 -4.02 31.53
N LEU A 3 7.36 -4.60 30.34
CA LEU A 3 7.69 -3.91 29.09
C LEU A 3 6.75 -2.71 28.82
N ASP A 4 5.44 -2.88 29.04
CA ASP A 4 4.49 -1.83 28.81
C ASP A 4 4.75 -0.69 29.77
N ALA A 5 5.27 -0.87 30.97
CA ALA A 5 5.59 0.25 31.83
C ALA A 5 6.78 1.04 31.27
N LYS A 6 7.75 0.45 30.58
CA LYS A 6 8.90 1.19 30.03
C LYS A 6 8.44 1.95 28.78
N LEU A 7 7.70 1.26 27.92
CA LEU A 7 7.07 1.76 26.71
C LEU A 7 6.15 2.94 26.99
N ASN A 8 5.23 2.78 27.94
CA ASN A 8 4.31 3.84 28.31
C ASN A 8 5.01 5.14 28.66
N LYS A 9 6.20 5.08 29.27
CA LYS A 9 6.93 6.30 29.63
C LYS A 9 7.42 7.08 28.42
N LEU A 10 7.60 6.34 27.32
CA LEU A 10 8.01 6.91 26.06
C LEU A 10 6.82 7.46 25.26
N GLY A 11 5.58 7.30 25.75
CA GLY A 11 4.38 7.71 25.02
C GLY A 11 3.80 6.57 24.20
N VAL A 12 4.34 5.36 24.29
CA VAL A 12 3.90 4.25 23.44
C VAL A 12 2.92 3.38 24.18
N ASP A 13 1.93 2.79 23.53
CA ASP A 13 1.12 1.77 24.15
C ASP A 13 0.93 0.75 23.06
N ARG A 14 0.51 -0.41 23.55
CA ARG A 14 0.33 -1.63 22.78
C ARG A 14 -1.14 -2.06 22.74
N ILE A 15 -2.08 -1.15 22.99
CA ILE A 15 -3.50 -1.50 23.04
C ILE A 15 -4.03 -1.53 21.63
N ALA A 16 -4.76 -2.59 21.31
CA ALA A 16 -5.32 -2.76 19.99
C ALA A 16 -6.68 -3.41 20.15
N ILE A 17 -7.77 -2.65 20.32
CA ILE A 17 -9.07 -3.26 20.56
C ILE A 17 -9.97 -2.79 19.45
N SER A 18 -10.75 -3.73 18.95
CA SER A 18 -11.72 -3.58 17.88
C SER A 18 -13.07 -3.26 18.50
N PRO A 19 -13.84 -2.28 18.01
CA PRO A 19 -15.17 -1.99 18.52
C PRO A 19 -16.24 -3.00 18.02
N TYR A 20 -15.96 -3.96 17.12
CA TYR A 20 -16.96 -4.85 16.56
C TYR A 20 -17.15 -6.15 17.34
N LYS A 21 -18.32 -6.75 17.10
CA LYS A 21 -18.69 -8.06 17.62
C LYS A 21 -17.99 -9.06 16.70
N GLN A 22 -17.33 -10.06 17.30
CA GLN A 22 -16.65 -11.16 16.65
C GLN A 22 -15.41 -10.85 15.79
N TRP A 23 -15.42 -9.78 15.00
CA TRP A 23 -14.39 -9.49 14.04
C TRP A 23 -13.19 -8.66 14.50
N THR A 24 -12.02 -9.09 14.02
CA THR A 24 -10.83 -8.30 14.21
C THR A 24 -10.93 -7.26 13.08
N ARG A 25 -10.07 -6.27 13.20
CA ARG A 25 -10.00 -5.12 12.30
C ARG A 25 -8.54 -4.78 12.07
N GLY A 26 -8.22 -3.95 11.10
CA GLY A 26 -6.85 -3.63 10.83
C GLY A 26 -6.35 -2.48 11.65
N TYR A 27 -5.02 -2.52 11.84
CA TYR A 27 -4.30 -1.40 12.43
C TYR A 27 -4.55 -0.15 11.57
N MET A 28 -4.90 1.01 12.19
CA MET A 28 -5.21 2.30 11.61
C MET A 28 -6.66 2.47 11.11
N GLU A 29 -7.55 1.48 11.19
CA GLU A 29 -8.95 1.68 10.80
C GLU A 29 -9.62 2.48 11.89
N PRO A 30 -10.46 3.46 11.51
CA PRO A 30 -10.99 4.44 12.43
C PRO A 30 -11.92 3.72 13.37
N GLY A 31 -11.80 3.99 14.68
CA GLY A 31 -12.72 3.44 15.63
C GLY A 31 -12.06 2.41 16.51
N ASN A 32 -10.83 1.99 16.25
CA ASN A 32 -10.15 1.07 17.16
C ASN A 32 -9.74 1.81 18.42
N ILE A 33 -9.63 1.11 19.55
CA ILE A 33 -9.21 1.73 20.78
C ILE A 33 -7.75 1.34 21.02
N GLY A 34 -6.92 2.31 21.37
CA GLY A 34 -5.48 2.12 21.54
C GLY A 34 -4.69 2.45 20.29
N ASN A 35 -3.37 2.61 20.45
CA ASN A 35 -2.46 2.96 19.36
C ASN A 35 -1.44 1.86 19.05
N GLY A 36 -1.71 0.62 19.46
CA GLY A 36 -0.85 -0.52 19.20
C GLY A 36 -1.45 -1.43 18.14
N TYR A 37 -0.89 -2.63 18.02
CA TYR A 37 -1.34 -3.60 17.05
C TYR A 37 -0.87 -4.99 17.48
N VAL A 38 -1.53 -5.97 16.86
CA VAL A 38 -1.22 -7.36 17.15
C VAL A 38 -0.97 -8.00 15.77
N THR A 39 -0.06 -8.97 15.66
CA THR A 39 0.22 -9.59 14.40
C THR A 39 0.30 -11.10 14.63
N GLY A 40 0.56 -11.83 13.56
CA GLY A 40 0.61 -13.27 13.56
C GLY A 40 1.19 -13.79 12.24
N LEU A 41 1.28 -15.10 12.01
CA LEU A 41 1.98 -15.66 10.87
C LEU A 41 1.08 -16.45 9.96
N LYS A 42 0.96 -16.14 8.68
CA LYS A 42 0.25 -17.00 7.76
C LYS A 42 1.05 -17.25 6.49
N VAL A 43 1.48 -18.49 6.30
CA VAL A 43 2.00 -18.92 4.99
C VAL A 43 1.03 -19.99 4.49
N ASP A 44 0.53 -19.86 3.26
CA ASP A 44 -0.39 -20.85 2.69
C ASP A 44 -0.28 -20.81 1.19
N ALA A 45 -0.71 -21.85 0.49
CA ALA A 45 -0.70 -21.86 -0.98
C ALA A 45 -2.07 -22.25 -1.56
N GLY A 46 -2.39 -21.84 -2.77
CA GLY A 46 -3.65 -22.18 -3.38
C GLY A 46 -3.41 -22.37 -4.84
N VAL A 47 -4.27 -23.11 -5.52
CA VAL A 47 -4.16 -23.34 -6.96
C VAL A 47 -5.47 -23.07 -7.70
N ARG A 48 -5.36 -22.87 -9.00
CA ARG A 48 -6.51 -22.79 -9.88
C ARG A 48 -6.11 -23.41 -11.25
N ASP A 49 -7.00 -24.12 -11.96
CA ASP A 49 -6.66 -24.63 -13.26
C ASP A 49 -6.40 -23.43 -14.18
N LYS A 50 -5.45 -23.58 -15.10
CA LYS A 50 -4.99 -22.49 -15.95
C LYS A 50 -6.09 -22.13 -16.91
N SER A 51 -6.32 -20.85 -17.06
CA SER A 51 -7.27 -20.36 -18.04
C SER A 51 -6.45 -19.48 -18.97
N ASP A 52 -7.21 -18.93 -19.91
CA ASP A 52 -6.77 -17.93 -20.85
C ASP A 52 -6.44 -16.60 -20.22
N ASP A 53 -6.46 -16.34 -18.91
CA ASP A 53 -6.26 -14.99 -18.41
C ASP A 53 -5.38 -15.11 -17.19
N ASP A 54 -4.15 -14.62 -17.20
CA ASP A 54 -3.26 -14.73 -16.04
C ASP A 54 -3.69 -13.93 -14.83
N VAL A 55 -4.30 -12.77 -15.08
CA VAL A 55 -4.72 -11.92 -14.00
C VAL A 55 -5.82 -12.60 -13.22
N LEU A 56 -6.83 -13.21 -13.85
CA LEU A 56 -7.91 -13.87 -13.14
C LEU A 56 -7.42 -15.13 -12.47
N ASP A 57 -6.49 -15.85 -13.12
CA ASP A 57 -5.89 -17.03 -12.53
C ASP A 57 -5.13 -16.68 -11.26
N GLY A 58 -4.50 -15.50 -11.30
CA GLY A 58 -3.81 -14.92 -10.18
C GLY A 58 -4.76 -14.61 -9.02
N ILE A 59 -5.86 -13.93 -9.33
CA ILE A 59 -6.88 -13.53 -8.36
C ILE A 59 -7.50 -14.74 -7.63
N VAL A 60 -7.95 -15.75 -8.36
CA VAL A 60 -8.56 -16.89 -7.74
C VAL A 60 -7.57 -17.71 -6.94
N SER A 61 -6.38 -18.09 -7.43
CA SER A 61 -5.44 -18.90 -6.64
C SER A 61 -5.01 -18.13 -5.38
N TYR A 62 -4.98 -16.79 -5.41
CA TYR A 62 -4.68 -15.99 -4.25
C TYR A 62 -5.81 -16.13 -3.23
N ASP A 63 -7.02 -16.00 -3.75
CA ASP A 63 -8.21 -16.04 -2.94
C ASP A 63 -8.30 -17.41 -2.24
N ARG A 64 -7.89 -18.50 -2.90
CA ARG A 64 -7.91 -19.82 -2.28
C ARG A 64 -6.85 -19.91 -1.18
N ALA A 65 -5.70 -19.26 -1.31
CA ALA A 65 -4.65 -19.29 -0.28
C ALA A 65 -5.13 -18.50 0.94
N GLU A 66 -5.84 -17.39 0.72
CA GLU A 66 -6.39 -16.59 1.80
C GLU A 66 -7.45 -17.29 2.65
N THR A 67 -8.18 -18.17 1.97
CA THR A 67 -9.30 -18.91 2.47
C THR A 67 -8.90 -20.28 3.03
N LYS A 68 -7.68 -20.72 2.76
CA LYS A 68 -7.07 -21.96 3.23
C LYS A 68 -6.67 -21.72 4.68
N ASN A 69 -6.74 -22.74 5.54
CA ASN A 69 -6.39 -22.67 6.95
C ASN A 69 -6.82 -21.40 7.67
N ALA A 70 -6.02 -20.51 8.30
CA ALA A 70 -6.54 -19.33 8.96
C ALA A 70 -7.19 -18.43 7.94
N TYR A 71 -8.47 -18.15 8.22
CA TYR A 71 -9.33 -17.41 7.31
C TYR A 71 -9.09 -15.92 7.30
N ILE A 72 -8.69 -15.40 6.15
CA ILE A 72 -8.58 -13.96 5.98
C ILE A 72 -9.24 -13.65 4.64
N GLY A 73 -10.35 -14.31 4.38
CA GLY A 73 -11.07 -14.05 3.15
C GLY A 73 -11.84 -12.73 3.33
N GLN A 74 -12.02 -12.08 2.20
CA GLN A 74 -12.78 -10.86 2.01
C GLN A 74 -12.29 -9.60 2.69
N ILE A 75 -10.98 -9.56 2.85
CA ILE A 75 -10.29 -8.41 3.42
C ILE A 75 -9.63 -7.69 2.24
N ASN A 76 -9.35 -6.42 2.46
CA ASN A 76 -8.67 -5.58 1.49
C ASN A 76 -7.24 -5.58 2.05
N MET A 77 -6.30 -6.25 1.39
CA MET A 77 -4.91 -6.29 1.81
C MET A 77 -4.08 -5.13 1.30
N THR A 78 -3.52 -4.36 2.22
CA THR A 78 -2.58 -3.29 1.94
C THR A 78 -1.18 -3.85 2.18
N THR A 79 -0.13 -3.43 1.48
CA THR A 79 1.20 -4.03 1.66
C THR A 79 2.23 -3.18 2.44
N ALA A 80 2.90 -3.78 3.40
CA ALA A 80 3.97 -3.08 4.09
C ALA A 80 5.20 -3.88 3.69
N SER A 81 6.26 -3.21 3.34
CA SER A 81 7.46 -3.90 2.91
C SER A 81 8.68 -3.31 3.58
N PHE B 2 8.30 -5.29 9.89
CA PHE B 2 8.67 -5.12 11.28
C PHE B 2 7.51 -5.12 12.25
N THR B 3 7.74 -5.67 13.46
CA THR B 3 6.78 -5.48 14.53
C THR B 3 7.59 -4.95 15.71
N GLY B 4 7.29 -3.73 16.10
CA GLY B 4 8.11 -3.03 17.05
C GLY B 4 7.50 -2.76 18.40
N VAL B 5 7.76 -1.52 18.82
CA VAL B 5 7.34 -1.09 20.15
C VAL B 5 5.83 -1.12 20.34
N GLN B 6 5.00 -1.03 19.30
CA GLN B 6 3.55 -1.11 19.42
C GLN B 6 3.02 -2.54 19.35
N GLY B 7 3.82 -3.59 19.10
CA GLY B 7 3.24 -4.87 18.79
C GLY B 7 3.40 -5.98 19.80
N ARG B 8 2.57 -7.02 19.53
CA ARG B 8 2.64 -8.31 20.21
C ARG B 8 2.32 -9.34 19.13
N VAL B 9 2.79 -10.57 19.29
CA VAL B 9 2.62 -11.62 18.31
C VAL B 9 1.80 -12.76 18.91
N ILE B 10 0.70 -13.12 18.25
CA ILE B 10 -0.19 -14.24 18.58
C ILE B 10 0.59 -15.55 18.58
N GLY B 11 0.45 -16.29 19.68
CA GLY B 11 1.10 -17.57 19.85
C GLY B 11 2.38 -17.36 20.63
N TYR B 12 2.85 -16.13 20.82
CA TYR B 12 4.08 -15.93 21.55
C TYR B 12 3.88 -14.95 22.69
N ASP B 13 3.46 -13.71 22.40
CA ASP B 13 3.28 -12.69 23.39
C ASP B 13 1.91 -12.71 24.01
N ILE B 14 0.87 -13.07 23.24
CA ILE B 14 -0.49 -13.19 23.76
C ILE B 14 -0.92 -14.58 23.30
N LEU B 15 -1.73 -15.28 24.10
CA LEU B 15 -2.22 -16.62 23.76
C LEU B 15 -1.06 -17.55 23.41
N ARG B 16 -0.05 -17.59 24.28
CA ARG B 16 1.16 -18.30 23.93
C ARG B 16 0.89 -19.78 23.77
N SER B 17 1.52 -20.37 22.77
CA SER B 17 1.46 -21.78 22.54
C SER B 17 2.45 -22.47 23.48
N PRO B 18 2.09 -23.57 24.14
CA PRO B 18 2.97 -24.40 24.94
C PRO B 18 4.14 -25.00 24.15
N GLU B 19 3.93 -25.37 22.88
CA GLU B 19 4.98 -25.95 22.06
C GLU B 19 6.13 -24.96 21.79
N VAL B 20 5.94 -23.67 22.07
CA VAL B 20 6.98 -22.64 21.94
C VAL B 20 7.99 -22.93 23.03
N ASP B 21 7.61 -22.92 24.31
CA ASP B 21 8.52 -23.19 25.42
C ASP B 21 9.18 -24.56 25.35
N LYS B 22 8.51 -25.57 24.82
CA LYS B 22 9.10 -26.89 24.68
C LYS B 22 9.96 -27.00 23.42
N ALA B 23 10.03 -26.03 22.49
CA ALA B 23 10.79 -26.21 21.26
C ALA B 23 12.29 -26.18 21.43
N LYS B 24 12.96 -27.02 20.64
CA LYS B 24 14.40 -27.12 20.54
C LYS B 24 14.84 -26.41 19.26
N PRO B 25 15.95 -25.66 19.21
CA PRO B 25 16.45 -25.02 17.99
C PRO B 25 16.98 -26.00 16.99
N LEU B 26 16.75 -25.68 15.71
CA LEU B 26 17.23 -26.48 14.60
C LEU B 26 18.71 -26.26 14.37
N PHE B 27 19.17 -25.01 14.51
CA PHE B 27 20.57 -24.65 14.43
C PHE B 27 20.74 -23.25 14.99
N THR B 28 21.95 -22.67 15.11
CA THR B 28 22.10 -21.28 15.52
C THR B 28 22.91 -20.56 14.45
N GLU B 29 22.80 -19.24 14.46
CA GLU B 29 23.37 -18.30 13.53
C GLU B 29 24.23 -17.33 14.37
N THR B 30 25.39 -16.84 13.96
CA THR B 30 26.08 -15.85 14.75
C THR B 30 25.70 -14.48 14.24
N GLN B 31 25.46 -13.57 15.20
CA GLN B 31 25.08 -12.19 14.91
C GLN B 31 26.29 -11.26 15.01
N TRP B 32 26.19 -10.04 14.50
CA TRP B 32 27.28 -9.05 14.50
C TRP B 32 27.98 -8.85 15.85
N ASP B 33 27.24 -8.98 16.95
CA ASP B 33 27.79 -8.77 18.28
C ASP B 33 28.33 -10.06 18.91
N GLY B 34 28.47 -11.14 18.16
CA GLY B 34 28.99 -12.36 18.73
C GLY B 34 27.97 -13.23 19.42
N SER B 35 26.72 -12.86 19.66
CA SER B 35 25.78 -13.80 20.28
C SER B 35 25.30 -14.87 19.29
N GLU B 36 24.91 -16.04 19.78
CA GLU B 36 24.26 -17.01 18.94
C GLU B 36 22.76 -16.68 18.80
N LEU B 37 22.17 -16.90 17.63
CA LEU B 37 20.76 -16.68 17.42
C LEU B 37 20.21 -18.09 17.17
N PRO B 38 19.40 -18.67 18.06
CA PRO B 38 18.67 -19.91 17.79
C PRO B 38 17.56 -19.85 16.72
N ILE B 39 17.45 -20.78 15.76
CA ILE B 39 16.42 -20.75 14.74
C ILE B 39 15.52 -21.93 15.02
N TYR B 40 14.23 -21.66 15.07
CA TYR B 40 13.21 -22.63 15.42
C TYR B 40 12.23 -22.74 14.29
N ASP B 41 11.49 -23.83 14.26
CA ASP B 41 10.40 -23.99 13.30
C ASP B 41 9.23 -23.18 13.84
N ALA B 42 8.58 -22.40 12.95
CA ALA B 42 7.52 -21.50 13.38
C ALA B 42 6.15 -22.13 13.48
N LYS B 43 6.02 -23.45 13.22
CA LYS B 43 4.72 -24.12 13.23
C LYS B 43 3.83 -23.84 14.47
N PRO B 44 4.23 -23.80 15.76
CA PRO B 44 3.36 -23.37 16.86
C PRO B 44 2.69 -22.02 16.62
N LEU B 45 3.46 -21.09 16.01
CA LEU B 45 3.00 -19.75 15.76
C LEU B 45 2.05 -19.74 14.58
N GLN B 46 2.30 -20.48 13.51
CA GLN B 46 1.36 -20.57 12.40
C GLN B 46 0.00 -21.12 12.84
N ASP B 47 0.08 -22.20 13.60
CA ASP B 47 -1.07 -22.87 14.16
C ASP B 47 -1.91 -22.00 15.07
N ALA B 48 -1.25 -21.19 15.90
CA ALA B 48 -1.93 -20.32 16.85
C ALA B 48 -2.83 -19.35 16.15
N LEU B 49 -2.42 -18.83 14.99
CA LEU B 49 -3.24 -17.89 14.27
C LEU B 49 -4.44 -18.66 13.74
N VAL B 50 -4.34 -19.94 13.36
CA VAL B 50 -5.55 -20.66 12.93
C VAL B 50 -6.50 -20.80 14.13
N GLU B 51 -6.02 -21.00 15.36
CA GLU B 51 -6.89 -21.07 16.53
C GLU B 51 -7.66 -19.80 16.83
N TYR B 52 -7.05 -18.65 16.61
CA TYR B 52 -7.69 -17.38 16.87
C TYR B 52 -8.64 -16.97 15.75
N PHE B 53 -8.19 -16.97 14.50
CA PHE B 53 -9.00 -16.51 13.39
C PHE B 53 -10.05 -17.53 12.99
N GLY B 54 -9.74 -18.81 13.13
CA GLY B 54 -10.62 -19.86 12.69
C GLY B 54 -10.34 -20.22 11.23
N THR B 55 -11.08 -21.20 10.72
CA THR B 55 -10.93 -21.58 9.35
C THR B 55 -12.19 -21.13 8.64
N GLU B 56 -12.31 -21.35 7.33
CA GLU B 56 -13.48 -20.93 6.57
C GLU B 56 -14.72 -21.72 7.02
N GLN B 57 -14.62 -22.98 7.42
CA GLN B 57 -15.79 -23.71 7.88
C GLN B 57 -16.04 -23.40 9.35
N ASP B 58 -15.06 -22.98 10.13
CA ASP B 58 -15.25 -22.76 11.55
C ASP B 58 -14.63 -21.42 11.87
N ARG B 59 -15.34 -20.36 11.49
CA ARG B 59 -14.89 -19.00 11.59
C ARG B 59 -14.87 -18.53 13.04
N ARG B 60 -13.81 -17.88 13.52
CA ARG B 60 -13.73 -17.46 14.90
C ARG B 60 -13.49 -15.95 14.84
N HIS B 61 -12.34 -15.37 15.20
CA HIS B 61 -12.20 -13.92 15.23
C HIS B 61 -11.46 -13.37 14.03
N TYR B 62 -11.96 -13.78 12.87
CA TYR B 62 -11.39 -13.41 11.58
C TYR B 62 -11.66 -11.93 11.31
N PRO B 63 -10.96 -11.28 10.38
CA PRO B 63 -11.16 -9.87 10.02
C PRO B 63 -12.55 -9.57 9.47
N ALA B 64 -13.11 -8.40 9.78
CA ALA B 64 -14.45 -8.09 9.29
C ALA B 64 -14.55 -8.13 7.76
N PRO B 65 -15.69 -8.52 7.22
CA PRO B 65 -15.94 -8.46 5.80
C PRO B 65 -15.66 -7.08 5.23
N GLY B 66 -14.69 -7.00 4.34
CA GLY B 66 -14.39 -5.75 3.65
C GLY B 66 -13.51 -4.80 4.46
N SER B 67 -12.94 -5.23 5.58
CA SER B 67 -12.02 -4.36 6.31
C SER B 67 -10.69 -4.19 5.56
N PHE B 68 -9.93 -3.13 5.86
CA PHE B 68 -8.58 -2.91 5.36
C PHE B 68 -7.54 -3.41 6.37
N ILE B 69 -6.78 -4.46 6.03
CA ILE B 69 -5.80 -5.06 6.94
C ILE B 69 -4.47 -4.86 6.24
N VAL B 70 -3.62 -4.07 6.87
CA VAL B 70 -2.25 -3.97 6.39
C VAL B 70 -1.49 -5.23 6.79
N CYS B 71 -0.81 -5.75 5.78
CA CYS B 71 -0.06 -6.96 5.89
C CYS B 71 1.35 -6.83 5.34
N ALA B 72 2.31 -7.43 6.07
CA ALA B 72 3.65 -7.59 5.51
C ALA B 72 3.49 -8.85 4.66
N ASN B 73 3.59 -8.67 3.35
CA ASN B 73 3.34 -9.80 2.48
C ASN B 73 4.05 -9.80 1.15
N LYS B 74 4.22 -11.04 0.67
CA LYS B 74 4.86 -11.40 -0.59
C LYS B 74 4.19 -12.70 -1.06
N GLY B 75 4.41 -13.03 -2.32
CA GLY B 75 3.79 -14.21 -2.88
C GLY B 75 4.44 -14.51 -4.21
N VAL B 76 4.16 -15.64 -4.81
CA VAL B 76 4.73 -16.03 -6.09
C VAL B 76 3.66 -16.84 -6.77
N THR B 77 3.61 -16.72 -8.07
CA THR B 77 2.71 -17.49 -8.93
C THR B 77 3.58 -18.27 -9.94
N ALA B 78 3.13 -19.45 -10.39
CA ALA B 78 3.81 -20.22 -11.39
C ALA B 78 2.79 -21.21 -11.92
N GLU B 79 2.94 -21.41 -13.21
CA GLU B 79 2.13 -22.35 -13.95
C GLU B 79 2.85 -23.68 -14.14
N ARG B 80 2.18 -24.83 -14.05
CA ARG B 80 2.73 -26.13 -14.46
C ARG B 80 2.05 -26.33 -15.80
N PRO B 81 2.72 -26.42 -16.96
CA PRO B 81 2.08 -26.63 -18.27
C PRO B 81 1.24 -27.90 -18.36
N LYS B 82 0.12 -27.84 -19.10
CA LYS B 82 -0.87 -28.92 -19.20
C LYS B 82 -0.39 -30.13 -19.96
N ASN B 83 0.52 -29.92 -20.91
CA ASN B 83 1.08 -31.04 -21.65
C ASN B 83 2.36 -30.59 -22.35
N ASP B 84 3.37 -30.36 -21.51
CA ASP B 84 4.63 -29.90 -22.03
C ASP B 84 5.69 -30.42 -21.11
N ALA B 85 6.73 -30.91 -21.76
CA ALA B 85 7.91 -31.36 -21.05
C ALA B 85 8.79 -30.11 -20.83
N ASP B 86 8.85 -29.15 -21.78
CA ASP B 86 9.60 -27.89 -21.65
C ASP B 86 8.92 -26.85 -20.75
N MET B 87 9.51 -26.55 -19.60
CA MET B 87 9.04 -25.46 -18.75
C MET B 87 9.64 -24.17 -19.31
N LYS B 88 8.88 -23.16 -19.68
CA LYS B 88 9.46 -21.88 -20.07
C LYS B 88 9.78 -21.11 -18.77
N PRO B 89 10.68 -20.11 -18.68
CA PRO B 89 11.25 -19.64 -17.42
C PRO B 89 10.30 -19.15 -16.33
N GLY B 90 9.03 -18.84 -16.60
CA GLY B 90 8.16 -18.50 -15.47
C GLY B 90 7.52 -19.72 -14.77
N GLN B 91 7.59 -20.90 -15.42
CA GLN B 91 6.91 -22.14 -15.04
C GLN B 91 7.65 -23.04 -14.09
N GLY B 92 6.93 -24.01 -13.55
CA GLY B 92 7.55 -24.91 -12.59
C GLY B 92 6.60 -25.96 -12.13
N TYR B 93 7.08 -26.81 -11.23
CA TYR B 93 6.28 -27.91 -10.74
C TYR B 93 5.61 -27.60 -9.41
N GLY B 94 6.19 -26.72 -8.60
CA GLY B 94 5.66 -26.43 -7.30
C GLY B 94 5.95 -24.99 -6.97
N VAL B 95 5.32 -24.53 -5.91
CA VAL B 95 5.48 -23.15 -5.51
C VAL B 95 5.59 -23.17 -3.96
N TRP B 96 6.37 -22.31 -3.32
CA TRP B 96 6.55 -22.34 -1.89
C TRP B 96 6.63 -20.93 -1.34
N SER B 97 6.34 -20.71 -0.06
CA SER B 97 6.55 -19.40 0.58
C SER B 97 7.06 -19.61 2.00
N ALA B 98 7.68 -18.58 2.57
CA ALA B 98 8.29 -18.71 3.88
C ALA B 98 8.13 -17.42 4.65
N ILE B 99 8.08 -17.53 5.97
CA ILE B 99 8.01 -16.38 6.84
C ILE B 99 8.93 -16.68 8.00
N ALA B 100 9.65 -15.66 8.47
CA ALA B 100 10.55 -15.77 9.60
C ALA B 100 10.24 -14.62 10.55
N ILE B 101 9.99 -14.81 11.86
CA ILE B 101 9.88 -13.70 12.79
C ILE B 101 11.10 -13.80 13.72
N SER B 102 11.81 -12.69 13.96
CA SER B 102 12.98 -12.63 14.85
C SER B 102 12.68 -11.65 15.97
N PHE B 103 12.63 -12.03 17.24
CA PHE B 103 12.21 -11.16 18.34
C PHE B 103 13.40 -10.39 18.89
N ALA B 104 13.32 -9.08 19.05
CA ALA B 104 14.45 -8.27 19.51
C ALA B 104 14.79 -8.58 20.95
N LYS B 105 16.07 -8.60 21.34
CA LYS B 105 16.46 -8.85 22.72
C LYS B 105 16.00 -7.67 23.56
N ASP B 106 16.09 -6.46 23.02
CA ASP B 106 15.62 -5.28 23.70
C ASP B 106 14.49 -4.58 22.90
N PRO B 107 13.22 -4.86 23.18
CA PRO B 107 12.09 -4.31 22.42
C PRO B 107 11.81 -2.83 22.63
N THR B 108 12.44 -2.14 23.58
CA THR B 108 12.18 -0.71 23.80
C THR B 108 13.02 0.13 22.85
N LYS B 109 14.06 -0.47 22.25
CA LYS B 109 14.80 0.28 21.23
C LYS B 109 14.95 -0.44 19.91
N ASP B 110 14.87 -1.76 19.78
CA ASP B 110 14.97 -2.37 18.48
C ASP B 110 13.67 -3.05 18.11
N SER B 111 13.29 -3.00 16.86
CA SER B 111 12.12 -3.72 16.40
C SER B 111 12.46 -5.18 16.12
N SER B 112 11.39 -5.98 16.24
CA SER B 112 11.47 -7.37 15.90
C SER B 112 11.24 -7.36 14.40
N MET B 113 11.64 -8.40 13.66
CA MET B 113 11.48 -8.32 12.21
C MET B 113 11.04 -9.61 11.59
N PHE B 114 10.30 -9.44 10.50
CA PHE B 114 9.89 -10.50 9.62
C PHE B 114 10.76 -10.50 8.36
N VAL B 115 11.36 -11.62 7.89
CA VAL B 115 11.83 -11.57 6.53
C VAL B 115 10.95 -12.67 5.92
N GLU B 116 10.57 -12.49 4.64
CA GLU B 116 9.66 -13.40 3.95
C GLU B 116 10.33 -13.75 2.64
N ASP B 117 10.02 -14.92 2.16
CA ASP B 117 10.63 -15.37 0.94
C ASP B 117 9.59 -16.18 0.19
N ALA B 118 9.73 -16.36 -1.12
CA ALA B 118 8.80 -17.17 -1.90
C ALA B 118 9.53 -17.63 -3.17
N GLY B 119 9.20 -18.72 -3.84
CA GLY B 119 9.89 -19.07 -5.05
C GLY B 119 9.22 -20.25 -5.73
N VAL B 120 9.76 -20.58 -6.92
CA VAL B 120 9.27 -21.67 -7.75
C VAL B 120 10.16 -22.92 -7.62
N TRP B 121 9.63 -24.14 -7.74
CA TRP B 121 10.41 -25.36 -7.63
C TRP B 121 10.29 -26.04 -8.97
N GLU B 122 11.44 -26.51 -9.46
CA GLU B 122 11.58 -27.07 -10.80
C GLU B 122 11.86 -28.58 -10.91
N THR B 123 11.44 -29.32 -9.93
CA THR B 123 11.59 -30.76 -9.95
C THR B 123 10.25 -31.41 -9.60
N PRO B 124 9.76 -32.52 -10.14
CA PRO B 124 8.49 -33.13 -9.78
C PRO B 124 8.42 -33.85 -8.45
N ASN B 125 9.57 -33.87 -7.77
CA ASN B 125 9.80 -34.63 -6.56
C ASN B 125 9.75 -33.77 -5.30
N GLU B 126 8.70 -34.00 -4.55
CA GLU B 126 8.43 -33.30 -3.32
C GLU B 126 9.48 -33.50 -2.24
N ASP B 127 10.10 -34.67 -2.15
CA ASP B 127 11.18 -34.89 -1.19
C ASP B 127 12.34 -33.96 -1.48
N GLU B 128 12.61 -33.72 -2.76
CA GLU B 128 13.67 -32.81 -3.11
C GLU B 128 13.28 -31.38 -2.72
N LEU B 129 12.04 -30.92 -2.93
CA LEU B 129 11.62 -29.62 -2.44
C LEU B 129 11.79 -29.50 -0.92
N LEU B 130 11.41 -30.49 -0.12
CA LEU B 130 11.60 -30.44 1.32
C LEU B 130 13.06 -30.30 1.68
N GLU B 131 13.99 -30.95 0.98
CA GLU B 131 15.42 -30.80 1.20
C GLU B 131 15.76 -29.37 0.89
N TYR B 132 15.30 -28.81 -0.22
CA TYR B 132 15.63 -27.45 -0.55
C TYR B 132 15.18 -26.45 0.50
N LEU B 133 13.95 -26.64 0.97
CA LEU B 133 13.34 -25.78 1.97
C LEU B 133 14.13 -25.79 3.27
N GLU B 134 14.75 -26.88 3.74
CA GLU B 134 15.56 -26.76 4.94
C GLU B 134 16.76 -25.88 4.65
N GLY B 135 17.26 -25.87 3.43
CA GLY B 135 18.34 -24.98 3.04
C GLY B 135 17.90 -23.53 2.98
N ARG B 136 16.61 -23.21 2.68
CA ARG B 136 16.14 -21.83 2.69
C ARG B 136 16.10 -21.28 4.11
N ARG B 137 15.92 -22.12 5.16
CA ARG B 137 16.04 -21.65 6.54
C ARG B 137 17.44 -21.11 6.82
N LYS B 138 18.52 -21.75 6.32
CA LYS B 138 19.89 -21.24 6.52
C LYS B 138 20.08 -19.95 5.74
N ALA B 139 19.58 -19.89 4.51
CA ALA B 139 19.68 -18.70 3.70
C ALA B 139 18.93 -17.57 4.40
N MET B 140 17.71 -17.75 4.89
CA MET B 140 16.99 -16.70 5.63
C MET B 140 17.67 -16.28 6.92
N ALA B 141 18.23 -17.22 7.73
CA ALA B 141 18.99 -16.88 8.94
C ALA B 141 20.19 -16.00 8.63
N LYS B 142 20.88 -16.28 7.54
CA LYS B 142 21.97 -15.48 7.03
C LYS B 142 21.44 -14.07 6.73
N SER B 143 20.31 -13.88 6.02
CA SER B 143 19.86 -12.52 5.73
C SER B 143 19.33 -11.75 6.95
N ILE B 144 18.80 -12.45 7.95
CA ILE B 144 18.38 -11.83 9.22
C ILE B 144 19.61 -11.28 9.94
N ALA B 145 20.72 -12.03 10.03
CA ALA B 145 21.91 -11.53 10.70
C ALA B 145 22.48 -10.31 9.98
N GLU B 146 22.38 -10.25 8.64
CA GLU B 146 22.85 -9.08 7.89
C GLU B 146 21.94 -7.89 8.10
N CYS B 147 20.62 -8.06 8.04
CA CYS B 147 19.68 -6.96 8.32
C CYS B 147 19.88 -6.45 9.74
N GLY B 148 20.15 -7.33 10.70
CA GLY B 148 20.41 -6.98 12.09
C GLY B 148 21.62 -6.07 12.20
N GLN B 149 22.75 -6.45 11.58
CA GLN B 149 23.99 -5.70 11.58
C GLN B 149 23.79 -4.29 11.09
N ASP B 150 23.00 -4.16 10.01
CA ASP B 150 22.64 -2.86 9.41
C ASP B 150 21.97 -1.86 10.34
N ALA B 151 21.24 -2.38 11.33
CA ALA B 151 20.53 -1.54 12.29
C ALA B 151 21.07 -1.75 13.70
N HIS B 152 22.13 -2.56 13.80
CA HIS B 152 22.73 -3.00 15.06
C HIS B 152 21.71 -3.44 16.10
N ALA B 153 20.87 -4.34 15.60
CA ALA B 153 19.78 -4.91 16.35
C ALA B 153 20.20 -6.32 16.64
N SER B 154 20.04 -6.77 17.86
CA SER B 154 20.34 -8.13 18.25
C SER B 154 18.98 -8.81 18.52
N PHE B 155 18.84 -10.09 18.22
CA PHE B 155 17.57 -10.79 18.33
C PHE B 155 17.79 -11.97 19.27
N GLU B 156 16.74 -12.40 19.96
CA GLU B 156 16.72 -13.49 20.92
C GLU B 156 16.42 -14.81 20.22
N SER B 157 15.58 -14.87 19.19
CA SER B 157 15.28 -16.11 18.51
C SER B 157 14.67 -15.82 17.14
N SER B 158 14.67 -16.78 16.21
CA SER B 158 13.96 -16.66 14.95
C SER B 158 13.17 -17.93 14.79
N TRP B 159 11.94 -17.79 14.28
CA TRP B 159 11.01 -18.87 14.10
C TRP B 159 10.72 -18.77 12.62
N ILE B 160 11.11 -19.76 11.83
CA ILE B 160 10.92 -19.76 10.37
C ILE B 160 9.95 -20.89 10.03
N GLY B 161 8.98 -20.69 9.14
CA GLY B 161 8.03 -21.72 8.76
C GLY B 161 7.71 -21.53 7.29
N PHE B 162 7.19 -22.57 6.66
CA PHE B 162 6.97 -22.67 5.23
C PHE B 162 5.58 -23.21 4.89
N ALA B 163 5.19 -22.97 3.65
CA ALA B 163 3.99 -23.51 3.02
C ALA B 163 4.40 -23.86 1.59
N TYR B 164 3.69 -24.76 0.92
CA TYR B 164 3.98 -25.12 -0.46
C TYR B 164 2.83 -25.88 -1.06
N THR B 165 2.87 -26.06 -2.40
CA THR B 165 1.94 -26.94 -3.10
C THR B 165 2.63 -27.35 -4.42
N MET B 166 2.47 -28.61 -4.78
CA MET B 166 2.93 -29.16 -6.04
C MET B 166 1.74 -29.08 -6.95
N MET B 167 1.77 -28.44 -8.11
CA MET B 167 0.58 -28.45 -8.92
C MET B 167 0.57 -29.54 -9.97
N GLU B 168 -0.64 -29.86 -10.39
CA GLU B 168 -0.90 -30.85 -11.42
C GLU B 168 -0.67 -30.18 -12.80
N PRO B 169 -0.57 -30.92 -13.93
CA PRO B 169 -0.42 -30.38 -15.28
C PRO B 169 -1.57 -29.43 -15.55
N GLY B 170 -1.26 -28.20 -15.95
CA GLY B 170 -2.26 -27.21 -16.27
C GLY B 170 -2.85 -26.48 -15.05
N GLN B 171 -2.15 -26.37 -13.94
CA GLN B 171 -2.63 -25.58 -12.83
C GLN B 171 -1.68 -24.43 -12.60
N ILE B 172 -2.17 -23.36 -11.99
CA ILE B 172 -1.37 -22.25 -11.51
C ILE B 172 -1.46 -22.34 -9.99
N GLY B 173 -0.30 -22.14 -9.37
CA GLY B 173 -0.16 -22.13 -7.93
C GLY B 173 0.29 -20.75 -7.50
N ASN B 174 -0.18 -20.37 -6.32
CA ASN B 174 0.11 -19.07 -5.75
C ASN B 174 0.53 -19.38 -4.33
N ALA B 175 1.71 -19.02 -3.88
CA ALA B 175 2.12 -19.26 -2.51
C ALA B 175 2.32 -17.89 -1.95
N ILE B 176 1.72 -17.65 -0.78
CA ILE B 176 1.69 -16.32 -0.17
C ILE B 176 2.23 -16.37 1.24
N THR B 177 2.78 -15.25 1.70
CA THR B 177 3.32 -15.19 3.05
C THR B 177 2.81 -13.86 3.58
N VAL B 178 2.12 -13.83 4.71
CA VAL B 178 1.53 -12.60 5.23
C VAL B 178 1.51 -12.55 6.75
N ALA B 179 1.84 -11.36 7.24
CA ALA B 179 1.81 -11.05 8.66
C ALA B 179 0.73 -9.98 8.72
N PRO B 180 -0.49 -10.27 9.18
CA PRO B 180 -1.55 -9.29 9.32
C PRO B 180 -1.34 -8.35 10.52
N TYR B 181 -1.78 -7.09 10.49
CA TYR B 181 -1.69 -6.25 11.70
C TYR B 181 -3.12 -5.82 12.09
N VAL B 182 -3.56 -6.36 13.24
CA VAL B 182 -4.93 -6.25 13.71
C VAL B 182 -5.17 -5.70 15.14
N SER B 183 -6.48 -5.49 15.32
CA SER B 183 -7.26 -5.10 16.51
C SER B 183 -8.06 -6.28 17.04
N LEU B 184 -8.13 -6.49 18.35
CA LEU B 184 -8.80 -7.62 18.98
C LEU B 184 -10.22 -7.31 19.43
N PRO B 185 -11.28 -8.04 19.09
CA PRO B 185 -12.65 -7.75 19.55
C PRO B 185 -12.84 -8.14 21.03
N ILE B 186 -13.68 -7.43 21.79
CA ILE B 186 -13.92 -7.73 23.20
C ILE B 186 -14.42 -9.14 23.46
N ASP B 187 -15.21 -9.71 22.58
CA ASP B 187 -15.73 -11.03 22.89
C ASP B 187 -14.70 -12.10 22.76
N SER B 188 -13.47 -11.82 22.31
CA SER B 188 -12.46 -12.87 22.28
C SER B 188 -11.62 -12.76 23.54
N ILE B 189 -11.94 -11.77 24.38
CA ILE B 189 -11.18 -11.52 25.60
C ILE B 189 -12.06 -11.97 26.76
N PRO B 190 -11.72 -13.07 27.47
CA PRO B 190 -12.49 -13.59 28.60
C PRO B 190 -12.47 -12.58 29.73
N GLY B 191 -13.61 -11.93 29.98
CA GLY B 191 -13.68 -10.93 31.04
C GLY B 191 -13.24 -9.56 30.55
N GLY B 192 -13.04 -9.35 29.25
CA GLY B 192 -12.66 -8.04 28.79
C GLY B 192 -13.87 -7.12 28.82
N SER B 193 -13.64 -5.81 28.74
CA SER B 193 -14.69 -4.84 28.60
C SER B 193 -14.14 -3.74 27.69
N ILE B 194 -14.95 -3.10 26.87
CA ILE B 194 -14.55 -1.96 26.05
C ILE B 194 -14.09 -0.81 26.95
N LEU B 195 -14.58 -0.79 28.19
CA LEU B 195 -14.22 0.19 29.18
C LEU B 195 -12.85 -0.05 29.85
N THR B 196 -12.22 -1.25 29.77
CA THR B 196 -10.93 -1.49 30.37
C THR B 196 -9.86 -1.83 29.30
N PRO B 197 -9.47 -0.95 28.36
CA PRO B 197 -8.60 -1.26 27.20
C PRO B 197 -7.26 -1.90 27.54
N ASP B 198 -6.59 -1.33 28.53
CA ASP B 198 -5.31 -1.80 29.01
C ASP B 198 -5.36 -3.17 29.68
N LYS B 199 -6.42 -3.40 30.43
CA LYS B 199 -6.62 -4.62 31.19
C LYS B 199 -6.92 -5.75 30.21
N ASP B 200 -7.64 -5.44 29.13
CA ASP B 200 -7.96 -6.40 28.07
C ASP B 200 -6.72 -7.01 27.45
N MET B 201 -5.68 -6.20 27.20
CA MET B 201 -4.42 -6.70 26.65
C MET B 201 -3.68 -7.53 27.68
N GLU B 202 -3.70 -7.19 28.97
CA GLU B 202 -3.08 -8.03 30.01
C GLU B 202 -3.73 -9.40 30.09
N ILE B 203 -5.06 -9.49 30.03
CA ILE B 203 -5.74 -10.77 30.04
C ILE B 203 -5.23 -11.70 28.94
N MET B 204 -5.12 -11.17 27.73
CA MET B 204 -4.71 -11.95 26.56
C MET B 204 -3.25 -12.38 26.62
N GLU B 205 -2.46 -11.55 27.29
CA GLU B 205 -1.04 -11.75 27.54
C GLU B 205 -0.87 -12.79 28.65
N ASN B 206 -1.79 -12.88 29.62
CA ASN B 206 -1.73 -13.86 30.67
C ASN B 206 -2.27 -15.24 30.31
N LEU B 207 -3.08 -15.38 29.28
CA LEU B 207 -3.61 -16.67 28.91
C LEU B 207 -2.74 -17.35 27.88
N THR B 208 -2.54 -18.63 28.07
CA THR B 208 -1.92 -19.42 27.03
C THR B 208 -3.07 -19.86 26.12
N MET B 209 -2.72 -20.32 24.90
CA MET B 209 -3.66 -20.85 23.94
C MET B 209 -4.57 -21.95 24.49
N PRO B 210 -4.19 -23.02 25.21
CA PRO B 210 -5.10 -24.00 25.85
C PRO B 210 -6.14 -23.40 26.80
N GLU B 211 -5.65 -22.50 27.67
CA GLU B 211 -6.50 -21.75 28.58
C GLU B 211 -7.51 -20.92 27.82
N TRP B 212 -7.10 -20.15 26.80
CA TRP B 212 -8.03 -19.34 26.05
C TRP B 212 -9.05 -20.25 25.39
N LEU B 213 -8.64 -21.36 24.77
CA LEU B 213 -9.56 -22.26 24.10
C LEU B 213 -10.59 -22.74 25.11
N GLU B 214 -10.15 -23.10 26.34
CA GLU B 214 -11.06 -23.58 27.37
C GLU B 214 -12.06 -22.53 27.74
N LYS B 215 -11.61 -21.32 28.07
CA LYS B 215 -12.44 -20.22 28.49
C LYS B 215 -13.46 -19.83 27.44
N MET B 216 -13.16 -20.06 26.17
CA MET B 216 -14.06 -19.66 25.11
C MET B 216 -14.99 -20.79 24.76
N GLY B 217 -14.59 -22.01 25.10
CA GLY B 217 -15.33 -23.19 24.76
C GLY B 217 -15.11 -23.58 23.32
N TYR B 218 -13.86 -23.44 22.85
CA TYR B 218 -13.54 -23.77 21.49
C TYR B 218 -12.68 -25.00 21.49
N LYS B 219 -12.92 -25.88 20.52
CA LYS B 219 -12.04 -27.02 20.33
C LYS B 219 -10.74 -26.55 19.70
N SER B 220 -9.72 -27.35 19.86
CA SER B 220 -8.44 -27.07 19.28
C SER B 220 -8.44 -27.43 17.80
N LEU B 221 -8.38 -26.47 16.88
CA LEU B 221 -8.20 -26.76 15.46
C LEU B 221 -6.83 -27.35 15.12
N SER B 222 -5.77 -27.17 15.90
CA SER B 222 -4.44 -27.65 15.57
C SER B 222 -3.93 -28.90 16.25
N ALA B 223 -4.68 -29.37 17.24
CA ALA B 223 -4.24 -30.39 18.16
C ALA B 223 -3.37 -31.56 17.74
N ASN B 224 -3.71 -32.58 16.97
CA ASN B 224 -2.73 -33.66 16.82
C ASN B 224 -2.19 -33.49 15.43
N ASN B 225 -1.40 -32.41 15.30
CA ASN B 225 -0.84 -31.94 14.03
C ASN B 225 -1.83 -31.94 12.89
N ALA B 226 -3.05 -31.42 13.10
CA ALA B 226 -4.09 -31.45 12.08
C ALA B 226 -3.90 -30.49 10.90
N LEU B 227 -3.14 -29.44 11.17
CA LEU B 227 -2.91 -28.41 10.21
C LEU B 227 -1.62 -28.62 9.44
N LYS B 228 -1.73 -28.54 8.11
CA LYS B 228 -0.60 -28.62 7.21
C LYS B 228 -0.74 -27.53 6.14
N TYR B 229 0.40 -26.92 5.84
CA TYR B 229 0.52 -25.74 5.01
C TYR B 229 1.32 -26.05 3.73
N SER C 1 1.79 30.10 9.17
CA SER C 1 2.10 30.81 7.96
C SER C 1 0.78 31.45 7.53
N GLU C 2 0.76 32.51 6.70
CA GLU C 2 -0.48 33.13 6.24
C GLU C 2 -1.31 32.12 5.48
N LEU C 3 -0.64 31.19 4.80
CA LEU C 3 -1.32 30.17 4.02
C LEU C 3 -2.26 29.36 4.89
N ASP C 4 -1.86 29.03 6.13
CA ASP C 4 -2.70 28.29 7.06
C ASP C 4 -4.02 28.99 7.41
N ALA C 5 -4.03 30.32 7.47
CA ALA C 5 -5.23 31.08 7.71
C ALA C 5 -6.25 30.73 6.64
N LYS C 6 -5.77 30.67 5.39
CA LYS C 6 -6.57 30.35 4.21
C LYS C 6 -7.06 28.91 4.19
N LEU C 7 -6.16 27.98 4.49
CA LEU C 7 -6.41 26.56 4.54
C LEU C 7 -7.40 26.21 5.64
N ASN C 8 -7.24 26.72 6.85
CA ASN C 8 -8.18 26.47 7.94
C ASN C 8 -9.58 26.94 7.61
N LYS C 9 -9.74 28.00 6.81
CA LYS C 9 -11.05 28.44 6.35
C LYS C 9 -11.69 27.34 5.54
N LEU C 10 -10.95 26.43 4.91
CA LEU C 10 -11.48 25.33 4.12
C LEU C 10 -11.62 24.09 4.99
N GLY C 11 -11.33 24.19 6.28
CA GLY C 11 -11.38 23.02 7.13
C GLY C 11 -10.09 22.23 7.14
N VAL C 12 -9.02 22.72 6.51
CA VAL C 12 -7.77 21.95 6.43
C VAL C 12 -6.79 22.44 7.47
N ASP C 13 -6.02 21.58 8.13
CA ASP C 13 -4.89 22.02 8.93
C ASP C 13 -3.67 21.21 8.54
N ARG C 14 -2.46 21.70 8.85
CA ARG C 14 -1.20 21.04 8.55
C ARG C 14 -0.46 20.60 9.85
N ILE C 15 -1.19 20.38 10.93
CA ILE C 15 -0.62 20.02 12.23
C ILE C 15 -0.29 18.53 12.18
N ALA C 16 0.91 18.12 12.58
CA ALA C 16 1.26 16.73 12.54
C ALA C 16 2.27 16.50 13.62
N ILE C 17 1.73 16.12 14.78
CA ILE C 17 2.50 15.94 15.99
C ILE C 17 2.44 14.47 16.39
N SER C 18 3.57 13.89 16.74
CA SER C 18 3.73 12.52 17.20
C SER C 18 3.67 12.58 18.72
N PRO C 19 2.97 11.69 19.42
CA PRO C 19 2.93 11.67 20.87
C PRO C 19 4.13 10.94 21.49
N TYR C 20 5.07 10.39 20.68
CA TYR C 20 6.21 9.69 21.22
C TYR C 20 7.38 10.56 21.62
N LYS C 21 8.17 10.04 22.55
CA LYS C 21 9.46 10.61 22.92
C LYS C 21 10.39 10.31 21.73
N GLN C 22 11.20 11.26 21.27
CA GLN C 22 12.20 11.15 20.20
C GLN C 22 11.79 10.85 18.76
N TRP C 23 10.96 9.83 18.59
CA TRP C 23 10.58 9.26 17.31
C TRP C 23 9.47 9.92 16.51
N THR C 24 9.69 10.08 15.18
CA THR C 24 8.60 10.51 14.31
C THR C 24 7.66 9.28 14.13
N ARG C 25 6.50 9.51 13.58
CA ARG C 25 5.57 8.42 13.28
C ARG C 25 4.97 8.75 11.91
N GLY C 26 4.25 7.85 11.28
CA GLY C 26 3.68 8.12 9.98
C GLY C 26 2.27 8.66 10.07
N TYR C 27 1.96 9.39 9.00
CA TYR C 27 0.64 9.90 8.72
C TYR C 27 -0.37 8.73 8.71
N MET C 28 -1.56 8.96 9.30
CA MET C 28 -2.68 8.05 9.55
C MET C 28 -2.46 7.10 10.72
N GLU C 29 -1.33 7.09 11.41
CA GLU C 29 -1.19 6.20 12.56
C GLU C 29 -2.03 6.67 13.75
N PRO C 30 -2.71 5.80 14.51
CA PRO C 30 -3.57 6.15 15.64
C PRO C 30 -2.83 6.90 16.72
N GLY C 31 -3.37 8.03 17.25
CA GLY C 31 -2.66 8.75 18.30
C GLY C 31 -1.91 10.01 17.87
N ASN C 32 -1.70 10.28 16.60
CA ASN C 32 -1.09 11.54 16.17
C ASN C 32 -2.04 12.68 16.41
N ILE C 33 -1.55 13.89 16.67
CA ILE C 33 -2.39 15.04 16.86
C ILE C 33 -2.28 15.89 15.60
N GLY C 34 -3.44 16.21 15.05
CA GLY C 34 -3.55 17.05 13.87
C GLY C 34 -3.83 16.14 12.69
N ASN C 35 -4.21 16.77 11.59
CA ASN C 35 -4.65 16.04 10.41
C ASN C 35 -3.78 16.40 9.20
N GLY C 36 -2.54 16.83 9.43
CA GLY C 36 -1.66 17.16 8.33
C GLY C 36 -0.52 16.15 8.29
N TYR C 37 0.50 16.49 7.52
CA TYR C 37 1.67 15.68 7.43
C TYR C 37 2.87 16.54 6.99
N VAL C 38 4.03 15.94 7.25
CA VAL C 38 5.33 16.50 6.92
C VAL C 38 6.05 15.48 6.03
N THR C 39 6.80 15.91 5.02
CA THR C 39 7.49 15.01 4.14
C THR C 39 8.89 15.57 3.94
N GLY C 40 9.69 14.81 3.19
CA GLY C 40 11.06 15.15 2.88
C GLY C 40 11.59 14.24 1.79
N LEU C 41 12.85 14.39 1.40
CA LEU C 41 13.41 13.66 0.24
C LEU C 41 14.52 12.71 0.62
N LYS C 42 14.46 11.42 0.26
CA LYS C 42 15.54 10.48 0.50
C LYS C 42 15.76 9.67 -0.77
N VAL C 43 16.96 9.68 -1.33
CA VAL C 43 17.30 8.90 -2.51
C VAL C 43 18.60 8.22 -2.07
N ASP C 44 18.74 6.89 -2.11
CA ASP C 44 19.97 6.21 -1.63
C ASP C 44 20.11 4.86 -2.30
N ALA C 45 21.32 4.30 -2.28
CA ALA C 45 21.60 3.02 -2.94
C ALA C 45 22.31 2.06 -2.02
N GLY C 46 21.96 0.79 -2.01
CA GLY C 46 22.60 -0.19 -1.13
C GLY C 46 23.03 -1.35 -2.01
N VAL C 47 23.91 -2.24 -1.53
CA VAL C 47 24.38 -3.40 -2.27
C VAL C 47 24.54 -4.57 -1.30
N ARG C 48 24.57 -5.76 -1.87
CA ARG C 48 24.78 -7.01 -1.14
C ARG C 48 25.49 -7.92 -2.11
N ASP C 49 26.37 -8.80 -1.67
CA ASP C 49 26.92 -9.80 -2.59
C ASP C 49 25.83 -10.79 -3.03
N LYS C 50 25.88 -11.20 -4.29
CA LYS C 50 24.85 -12.05 -4.88
C LYS C 50 24.79 -13.44 -4.26
N SER C 51 23.62 -14.01 -4.05
CA SER C 51 23.49 -15.34 -3.52
C SER C 51 22.55 -16.09 -4.45
N ASP C 52 22.19 -17.31 -4.06
CA ASP C 52 21.23 -18.05 -4.86
C ASP C 52 19.81 -17.51 -4.76
N ASP C 53 19.50 -16.59 -3.83
CA ASP C 53 18.14 -16.15 -3.65
C ASP C 53 17.92 -14.68 -3.95
N ASP C 54 17.29 -14.40 -5.09
CA ASP C 54 16.94 -13.07 -5.50
C ASP C 54 16.06 -12.31 -4.54
N VAL C 55 15.07 -12.95 -3.90
CA VAL C 55 14.19 -12.23 -3.01
C VAL C 55 14.99 -11.78 -1.80
N LEU C 56 15.83 -12.64 -1.22
CA LEU C 56 16.66 -12.28 -0.09
C LEU C 56 17.70 -11.23 -0.44
N ASP C 57 18.27 -11.30 -1.64
CA ASP C 57 19.21 -10.28 -2.05
C ASP C 57 18.54 -8.93 -2.18
N GLY C 58 17.30 -8.90 -2.70
CA GLY C 58 16.49 -7.70 -2.76
C GLY C 58 16.21 -7.20 -1.34
N ILE C 59 15.94 -8.10 -0.38
CA ILE C 59 15.66 -7.65 0.97
C ILE C 59 16.84 -6.96 1.67
N VAL C 60 18.03 -7.60 1.70
CA VAL C 60 19.20 -7.03 2.35
C VAL C 60 19.72 -5.80 1.64
N SER C 61 19.83 -5.71 0.32
CA SER C 61 20.29 -4.48 -0.31
C SER C 61 19.32 -3.33 -0.07
N TYR C 62 17.98 -3.60 0.02
CA TYR C 62 16.95 -2.59 0.32
C TYR C 62 17.17 -2.08 1.74
N ASP C 63 17.37 -3.03 2.68
CA ASP C 63 17.65 -2.70 4.06
C ASP C 63 18.86 -1.77 4.12
N ARG C 64 19.97 -2.09 3.40
CA ARG C 64 21.16 -1.26 3.34
C ARG C 64 20.82 0.10 2.75
N ALA C 65 20.02 0.25 1.70
CA ALA C 65 19.68 1.62 1.27
C ALA C 65 18.89 2.40 2.32
N GLU C 66 18.02 1.70 3.08
CA GLU C 66 17.21 2.34 4.14
C GLU C 66 18.00 2.88 5.32
N THR C 67 19.06 2.17 5.61
CA THR C 67 19.88 2.42 6.77
C THR C 67 21.07 3.34 6.49
N LYS C 68 21.31 3.67 5.23
CA LYS C 68 22.40 4.50 4.82
C LYS C 68 21.91 5.93 4.88
N ASN C 69 22.78 6.85 5.29
CA ASN C 69 22.47 8.27 5.36
C ASN C 69 21.23 8.54 6.18
N ALA C 70 20.11 9.17 5.76
CA ALA C 70 18.94 9.42 6.63
C ALA C 70 18.40 8.10 7.12
N TYR C 71 18.43 7.83 8.41
CA TYR C 71 18.03 6.52 8.84
C TYR C 71 16.52 6.30 8.82
N ILE C 72 16.07 5.36 7.99
CA ILE C 72 14.70 4.93 8.02
C ILE C 72 14.73 3.44 8.21
N GLY C 73 15.66 2.94 9.00
CA GLY C 73 15.69 1.50 9.26
C GLY C 73 14.53 1.07 10.15
N GLN C 74 14.13 -0.19 10.03
CA GLN C 74 13.11 -0.83 10.83
C GLN C 74 11.67 -0.30 10.82
N ILE C 75 11.27 0.28 9.69
CA ILE C 75 9.92 0.77 9.49
C ILE C 75 9.17 -0.16 8.49
N ASN C 76 7.83 -0.07 8.55
CA ASN C 76 6.94 -0.81 7.65
C ASN C 76 6.62 0.21 6.60
N MET C 77 7.08 0.00 5.37
CA MET C 77 6.81 0.94 4.30
C MET C 77 5.59 0.55 3.46
N THR C 78 4.73 1.55 3.38
CA THR C 78 3.50 1.50 2.61
C THR C 78 3.74 2.37 1.39
N THR C 79 3.28 1.98 0.22
CA THR C 79 3.48 2.74 -0.99
C THR C 79 2.26 3.53 -1.44
N ALA C 80 2.55 4.79 -1.76
CA ALA C 80 1.65 5.78 -2.36
C ALA C 80 2.23 6.02 -3.76
N SER C 81 1.41 6.06 -4.79
CA SER C 81 1.85 6.27 -6.15
C SER C 81 0.86 7.17 -6.89
N PHE D 2 2.44 13.15 -4.16
CA PHE D 2 1.97 14.51 -4.01
C PHE D 2 2.05 14.95 -2.54
N THR D 3 2.31 16.23 -2.32
CA THR D 3 2.26 16.84 -0.99
C THR D 3 1.28 17.98 -1.27
N GLY D 4 0.13 18.02 -0.62
CA GLY D 4 -0.83 19.05 -0.97
C GLY D 4 -1.13 19.94 0.20
N VAL D 5 -2.43 20.24 0.33
CA VAL D 5 -2.94 21.24 1.28
C VAL D 5 -2.65 20.88 2.73
N GLN D 6 -2.32 19.63 3.03
CA GLN D 6 -1.98 19.18 4.38
C GLN D 6 -0.49 19.19 4.71
N GLY D 7 0.38 19.46 3.71
CA GLY D 7 1.79 19.19 3.90
C GLY D 7 2.77 20.33 3.97
N ARG D 8 3.92 19.96 4.53
CA ARG D 8 5.10 20.81 4.59
C ARG D 8 6.30 19.91 4.27
N VAL D 9 7.37 20.47 3.73
CA VAL D 9 8.56 19.72 3.35
C VAL D 9 9.74 20.18 4.20
N ILE D 10 10.40 19.24 4.84
CA ILE D 10 11.59 19.47 5.65
C ILE D 10 12.69 20.06 4.77
N GLY D 11 13.27 21.19 5.19
CA GLY D 11 14.31 21.82 4.43
C GLY D 11 13.79 22.98 3.61
N TYR D 12 12.49 23.12 3.40
CA TYR D 12 11.95 24.17 2.57
C TYR D 12 10.89 24.93 3.35
N ASP D 13 9.90 24.22 3.90
CA ASP D 13 8.82 24.89 4.61
C ASP D 13 9.07 24.92 6.10
N ILE D 14 9.81 23.94 6.60
CA ILE D 14 10.14 23.93 8.01
C ILE D 14 11.63 23.63 8.03
N LEU D 15 12.34 24.19 9.02
CA LEU D 15 13.76 23.95 9.19
C LEU D 15 14.46 24.23 7.84
N ARG D 16 14.08 25.36 7.24
CA ARG D 16 14.59 25.73 5.92
C ARG D 16 16.09 25.81 5.88
N SER D 17 16.59 25.21 4.81
CA SER D 17 17.98 25.17 4.54
C SER D 17 18.36 26.51 3.92
N PRO D 18 19.42 27.18 4.43
CA PRO D 18 20.05 28.36 3.83
C PRO D 18 20.42 28.24 2.35
N GLU D 19 20.87 27.04 1.96
CA GLU D 19 21.31 26.77 0.61
C GLU D 19 20.18 26.83 -0.40
N VAL D 20 18.93 26.86 0.09
CA VAL D 20 17.74 26.94 -0.75
C VAL D 20 17.64 28.33 -1.30
N ASP D 21 17.90 29.34 -0.46
CA ASP D 21 17.83 30.73 -0.90
C ASP D 21 19.08 31.12 -1.68
N LYS D 22 20.27 30.55 -1.47
CA LYS D 22 21.43 30.91 -2.27
C LYS D 22 21.41 30.12 -3.59
N ALA D 23 20.57 29.10 -3.80
CA ALA D 23 20.64 28.24 -4.97
C ALA D 23 20.40 28.93 -6.30
N LYS D 24 21.07 28.49 -7.37
CA LYS D 24 20.85 29.09 -8.67
C LYS D 24 20.24 28.00 -9.56
N PRO D 25 19.37 28.28 -10.51
CA PRO D 25 18.74 27.28 -11.36
C PRO D 25 19.74 26.64 -12.30
N LEU D 26 19.61 25.35 -12.62
CA LEU D 26 20.45 24.71 -13.61
C LEU D 26 19.90 25.05 -14.99
N PHE D 27 18.58 25.12 -15.15
CA PHE D 27 17.90 25.43 -16.40
C PHE D 27 16.43 25.69 -16.11
N THR D 28 15.62 26.15 -17.06
CA THR D 28 14.21 26.33 -16.84
C THR D 28 13.43 25.48 -17.84
N GLU D 29 12.18 25.19 -17.55
CA GLU D 29 11.32 24.37 -18.39
C GLU D 29 10.13 25.26 -18.68
N THR D 30 9.46 25.35 -19.82
CA THR D 30 8.28 26.19 -19.95
C THR D 30 7.04 25.37 -19.61
N GLN D 31 6.06 25.99 -18.93
CA GLN D 31 4.86 25.28 -18.50
C GLN D 31 3.69 25.63 -19.39
N TRP D 32 2.56 24.93 -19.34
CA TRP D 32 1.37 25.13 -20.18
C TRP D 32 0.89 26.58 -20.17
N ASP D 33 1.03 27.24 -19.03
CA ASP D 33 0.58 28.62 -18.93
C ASP D 33 1.59 29.64 -19.46
N GLY D 34 2.71 29.22 -20.01
CA GLY D 34 3.71 30.17 -20.44
C GLY D 34 4.75 30.46 -19.38
N SER D 35 4.57 30.28 -18.07
CA SER D 35 5.66 30.60 -17.17
C SER D 35 6.87 29.64 -17.26
N GLU D 36 8.02 30.12 -16.81
CA GLU D 36 9.23 29.34 -16.80
C GLU D 36 9.32 28.67 -15.46
N LEU D 37 9.65 27.39 -15.42
CA LEU D 37 9.76 26.66 -14.17
C LEU D 37 11.26 26.51 -13.97
N PRO D 38 11.91 27.11 -12.97
CA PRO D 38 13.33 26.91 -12.70
C PRO D 38 13.64 25.54 -12.09
N ILE D 39 14.70 24.85 -12.52
CA ILE D 39 15.03 23.54 -11.99
C ILE D 39 16.30 23.68 -11.17
N TYR D 40 16.36 23.12 -9.97
CA TYR D 40 17.46 23.28 -9.05
C TYR D 40 17.87 21.90 -8.65
N ASP D 41 19.08 21.72 -8.11
CA ASP D 41 19.49 20.44 -7.60
C ASP D 41 18.93 20.38 -6.19
N ALA D 42 18.39 19.22 -5.82
CA ALA D 42 17.73 19.03 -4.55
C ALA D 42 18.63 18.75 -3.38
N LYS D 43 19.97 18.81 -3.53
CA LYS D 43 20.89 18.47 -2.44
C LYS D 43 20.60 19.17 -1.13
N PRO D 44 20.28 20.47 -0.98
CA PRO D 44 19.94 21.06 0.31
C PRO D 44 18.78 20.36 1.00
N LEU D 45 17.77 19.88 0.25
CA LEU D 45 16.59 19.22 0.82
C LEU D 45 16.88 17.82 1.29
N GLN D 46 17.62 17.08 0.44
CA GLN D 46 18.11 15.73 0.78
C GLN D 46 18.98 15.81 2.02
N ASP D 47 19.88 16.79 2.10
CA ASP D 47 20.71 16.95 3.30
C ASP D 47 19.93 17.29 4.56
N ALA D 48 18.89 18.12 4.39
CA ALA D 48 18.01 18.53 5.49
C ALA D 48 17.29 17.35 6.12
N LEU D 49 16.96 16.29 5.39
CA LEU D 49 16.30 15.16 6.01
C LEU D 49 17.28 14.41 6.85
N VAL D 50 18.60 14.31 6.52
CA VAL D 50 19.48 13.53 7.41
C VAL D 50 19.85 14.32 8.67
N GLU D 51 19.81 15.65 8.60
CA GLU D 51 19.92 16.47 9.80
C GLU D 51 18.75 16.13 10.73
N TYR D 52 17.52 15.95 10.23
CA TYR D 52 16.42 15.69 11.13
C TYR D 52 16.34 14.25 11.64
N PHE D 53 16.51 13.27 10.75
CA PHE D 53 16.39 11.88 11.18
C PHE D 53 17.67 11.36 11.84
N GLY D 54 18.80 11.97 11.45
CA GLY D 54 20.08 11.44 11.82
C GLY D 54 20.42 10.27 10.90
N THR D 55 21.53 9.65 11.24
CA THR D 55 22.13 8.55 10.49
C THR D 55 22.00 7.36 11.44
N GLU D 56 22.20 6.15 10.94
CA GLU D 56 22.25 4.98 11.77
C GLU D 56 23.22 5.15 12.94
N GLN D 57 24.39 5.77 12.77
CA GLN D 57 25.32 5.99 13.88
C GLN D 57 24.97 7.14 14.82
N ASP D 58 24.25 8.18 14.38
CA ASP D 58 23.92 9.31 15.20
C ASP D 58 22.44 9.53 14.96
N ARG D 59 21.62 8.76 15.65
CA ARG D 59 20.18 8.78 15.44
C ARG D 59 19.47 9.96 16.10
N ARG D 60 18.65 10.69 15.38
CA ARG D 60 17.99 11.85 15.94
C ARG D 60 16.47 11.56 15.92
N HIS D 61 15.62 12.21 15.12
CA HIS D 61 14.18 11.99 15.22
C HIS D 61 13.64 11.13 14.09
N TYR D 62 14.22 9.94 13.95
CA TYR D 62 13.87 8.97 12.92
C TYR D 62 12.55 8.24 13.31
N PRO D 63 11.85 7.51 12.40
CA PRO D 63 10.57 6.88 12.67
C PRO D 63 10.63 5.79 13.74
N ALA D 64 9.60 5.67 14.59
CA ALA D 64 9.56 4.70 15.68
C ALA D 64 9.78 3.31 15.13
N PRO D 65 10.47 2.47 15.89
CA PRO D 65 10.77 1.15 15.43
C PRO D 65 9.46 0.38 15.31
N GLY D 66 9.26 -0.12 14.09
CA GLY D 66 8.08 -0.90 13.76
C GLY D 66 6.91 0.00 13.36
N SER D 67 7.03 1.31 13.22
CA SER D 67 5.92 2.15 12.78
C SER D 67 5.61 1.88 11.31
N PHE D 68 4.49 2.38 10.82
CA PHE D 68 4.07 2.22 9.45
C PHE D 68 4.22 3.59 8.85
N ILE D 69 5.07 3.78 7.85
CA ILE D 69 5.32 5.09 7.30
C ILE D 69 4.97 4.97 5.82
N VAL D 70 3.96 5.74 5.40
CA VAL D 70 3.56 5.69 4.01
C VAL D 70 4.55 6.59 3.30
N CYS D 71 5.01 6.12 2.14
CA CYS D 71 6.05 6.79 1.40
C CYS D 71 5.75 6.74 -0.08
N ALA D 72 5.95 7.86 -0.78
CA ALA D 72 5.94 7.86 -2.25
C ALA D 72 7.31 7.24 -2.53
N ASN D 73 7.37 6.02 -3.06
CA ASN D 73 8.65 5.36 -3.21
C ASN D 73 8.66 4.50 -4.46
N LYS D 74 9.87 4.33 -5.01
CA LYS D 74 10.19 3.50 -6.16
C LYS D 74 11.60 2.94 -5.88
N GLY D 75 12.04 1.99 -6.68
CA GLY D 75 13.33 1.36 -6.49
C GLY D 75 13.69 0.56 -7.73
N VAL D 76 14.95 0.14 -7.86
CA VAL D 76 15.40 -0.71 -8.97
C VAL D 76 16.55 -1.51 -8.41
N THR D 77 16.55 -2.74 -8.86
CA THR D 77 17.51 -3.77 -8.47
C THR D 77 18.20 -4.24 -9.76
N ALA D 78 19.49 -4.56 -9.69
CA ALA D 78 20.21 -5.10 -10.83
C ALA D 78 21.42 -5.82 -10.31
N GLU D 79 21.71 -6.89 -11.01
CA GLU D 79 22.86 -7.71 -10.70
C GLU D 79 24.02 -7.38 -11.62
N ARG D 80 25.24 -7.45 -11.11
CA ARG D 80 26.44 -7.43 -11.93
C ARG D 80 27.03 -8.84 -11.71
N PRO D 81 27.11 -9.71 -12.74
CA PRO D 81 27.60 -11.08 -12.63
C PRO D 81 29.04 -11.21 -12.13
N LYS D 82 29.38 -12.33 -11.49
CA LYS D 82 30.71 -12.56 -10.91
C LYS D 82 31.82 -12.65 -11.93
N ASN D 83 31.55 -13.24 -13.07
CA ASN D 83 32.59 -13.44 -14.06
C ASN D 83 31.93 -13.76 -15.39
N ASP D 84 31.29 -12.76 -15.99
CA ASP D 84 30.60 -12.96 -17.24
C ASP D 84 30.65 -11.67 -18.03
N ALA D 85 30.99 -11.86 -19.29
CA ALA D 85 31.11 -10.73 -20.17
C ALA D 85 29.77 -10.28 -20.74
N ASP D 86 28.83 -11.22 -20.84
CA ASP D 86 27.51 -11.02 -21.42
C ASP D 86 26.54 -10.66 -20.30
N MET D 87 25.81 -9.56 -20.46
CA MET D 87 24.81 -9.16 -19.49
C MET D 87 23.42 -9.48 -20.01
N LYS D 88 22.70 -10.28 -19.27
CA LYS D 88 21.32 -10.65 -19.55
C LYS D 88 20.33 -9.52 -19.19
N PRO D 89 19.01 -9.62 -19.45
CA PRO D 89 17.97 -8.70 -18.99
C PRO D 89 18.03 -8.03 -17.64
N GLY D 90 18.09 -8.69 -16.47
CA GLY D 90 18.11 -7.88 -15.23
C GLY D 90 19.51 -7.54 -14.71
N GLN D 91 20.45 -7.22 -15.62
CA GLN D 91 21.84 -7.06 -15.26
C GLN D 91 22.43 -5.72 -15.66
N GLY D 92 23.40 -5.20 -14.93
CA GLY D 92 24.00 -3.94 -15.26
C GLY D 92 25.22 -3.74 -14.40
N TYR D 93 25.84 -2.57 -14.64
CA TYR D 93 27.03 -2.13 -13.96
C TYR D 93 26.73 -1.24 -12.77
N GLY D 94 25.66 -0.45 -12.87
CA GLY D 94 25.28 0.46 -11.81
C GLY D 94 23.78 0.59 -11.80
N VAL D 95 23.28 1.33 -10.82
CA VAL D 95 21.86 1.48 -10.57
C VAL D 95 21.71 2.91 -10.02
N TRP D 96 20.70 3.65 -10.46
CA TRP D 96 20.46 5.02 -10.02
C TRP D 96 18.97 5.21 -9.67
N SER D 97 18.71 6.20 -8.80
CA SER D 97 17.37 6.65 -8.46
C SER D 97 17.35 8.18 -8.42
N ALA D 98 16.16 8.74 -8.55
CA ALA D 98 15.98 10.16 -8.62
C ALA D 98 14.67 10.56 -7.97
N ILE D 99 14.61 11.78 -7.45
CA ILE D 99 13.42 12.38 -6.89
C ILE D 99 13.34 13.83 -7.33
N ALA D 100 12.15 14.31 -7.62
CA ALA D 100 11.90 15.71 -7.97
C ALA D 100 10.67 16.17 -7.19
N ILE D 101 10.77 17.23 -6.40
CA ILE D 101 9.61 17.82 -5.75
C ILE D 101 9.42 19.14 -6.45
N SER D 102 8.25 19.48 -6.95
CA SER D 102 8.05 20.80 -7.49
C SER D 102 6.85 21.43 -6.81
N PHE D 103 7.09 22.63 -6.26
CA PHE D 103 6.22 23.38 -5.39
C PHE D 103 5.12 24.14 -6.08
N ALA D 104 3.85 23.99 -5.68
CA ALA D 104 2.74 24.67 -6.35
C ALA D 104 2.79 26.15 -6.10
N LYS D 105 2.41 26.91 -7.15
CA LYS D 105 2.38 28.37 -7.04
C LYS D 105 1.22 28.75 -6.15
N ASP D 106 0.04 28.15 -6.32
CA ASP D 106 -1.09 28.42 -5.44
C ASP D 106 -1.36 27.13 -4.69
N PRO D 107 -0.84 26.94 -3.49
CA PRO D 107 -1.01 25.73 -2.70
C PRO D 107 -2.39 25.56 -2.07
N THR D 108 -3.35 26.47 -2.23
CA THR D 108 -4.68 26.20 -1.71
C THR D 108 -5.50 25.51 -2.78
N LYS D 109 -5.15 25.63 -4.07
CA LYS D 109 -5.90 24.99 -5.14
C LYS D 109 -5.13 23.79 -5.63
N ASP D 110 -3.82 23.89 -5.88
CA ASP D 110 -3.08 22.77 -6.46
C ASP D 110 -2.14 22.09 -5.52
N SER D 111 -1.89 20.82 -5.74
CA SER D 111 -0.89 20.10 -4.94
C SER D 111 0.53 20.31 -5.52
N SER D 112 1.52 20.17 -4.63
CA SER D 112 2.89 20.14 -5.06
C SER D 112 3.09 18.72 -5.48
N MET D 113 4.03 18.45 -6.36
CA MET D 113 4.16 17.12 -6.93
C MET D 113 5.53 16.51 -6.82
N PHE D 114 5.52 15.21 -6.59
CA PHE D 114 6.72 14.40 -6.59
C PHE D 114 6.79 13.63 -7.93
N VAL D 115 7.90 13.62 -8.68
CA VAL D 115 8.04 12.52 -9.63
C VAL D 115 9.35 11.81 -9.25
N GLU D 116 9.38 10.50 -9.39
CA GLU D 116 10.48 9.65 -8.98
C GLU D 116 10.88 8.83 -10.18
N ASP D 117 12.14 8.43 -10.29
CA ASP D 117 12.57 7.68 -11.44
C ASP D 117 13.73 6.86 -10.93
N ALA D 118 14.02 5.75 -11.60
CA ALA D 118 15.08 4.82 -11.23
C ALA D 118 15.48 4.04 -12.49
N GLY D 119 16.69 3.49 -12.54
CA GLY D 119 17.11 2.73 -13.71
C GLY D 119 18.46 2.05 -13.51
N VAL D 120 18.81 1.23 -14.49
CA VAL D 120 20.02 0.43 -14.55
C VAL D 120 21.02 1.03 -15.53
N TRP D 121 22.27 1.23 -15.12
CA TRP D 121 23.32 1.74 -15.98
C TRP D 121 24.10 0.58 -16.59
N GLU D 122 24.21 0.67 -17.91
CA GLU D 122 24.86 -0.38 -18.66
C GLU D 122 26.29 -0.20 -19.16
N THR D 123 27.11 0.76 -18.73
CA THR D 123 28.51 0.76 -19.13
C THR D 123 29.29 0.77 -17.81
N PRO D 124 30.57 0.36 -17.71
CA PRO D 124 31.30 0.37 -16.43
C PRO D 124 31.84 1.70 -15.99
N ASN D 125 31.69 2.69 -16.84
CA ASN D 125 32.27 4.01 -16.64
C ASN D 125 31.39 5.00 -15.88
N GLU D 126 31.71 5.32 -14.65
CA GLU D 126 30.93 6.31 -13.89
C GLU D 126 30.78 7.70 -14.53
N ASP D 127 31.69 8.22 -15.34
CA ASP D 127 31.53 9.54 -15.90
C ASP D 127 30.41 9.50 -16.94
N GLU D 128 30.23 8.40 -17.66
CA GLU D 128 29.14 8.28 -18.60
C GLU D 128 27.81 8.22 -17.87
N LEU D 129 27.71 7.51 -16.72
CA LEU D 129 26.52 7.53 -15.88
C LEU D 129 26.19 8.97 -15.43
N LEU D 130 27.13 9.78 -14.96
CA LEU D 130 26.81 11.14 -14.56
C LEU D 130 26.39 12.05 -15.70
N GLU D 131 26.88 11.92 -16.95
CA GLU D 131 26.35 12.74 -18.03
C GLU D 131 24.93 12.30 -18.31
N TYR D 132 24.68 11.00 -18.26
CA TYR D 132 23.34 10.44 -18.44
C TYR D 132 22.38 11.04 -17.42
N LEU D 133 22.83 11.09 -16.16
CA LEU D 133 22.05 11.59 -15.07
C LEU D 133 21.65 13.05 -15.27
N GLU D 134 22.46 13.90 -15.90
CA GLU D 134 22.02 15.26 -16.20
C GLU D 134 20.98 15.23 -17.29
N GLY D 135 20.96 14.25 -18.16
CA GLY D 135 19.93 14.08 -19.17
C GLY D 135 18.61 13.69 -18.52
N ARG D 136 18.66 12.87 -17.45
CA ARG D 136 17.46 12.46 -16.73
C ARG D 136 16.75 13.64 -16.05
N ARG D 137 17.51 14.65 -15.70
CA ARG D 137 17.00 15.84 -15.07
C ARG D 137 16.12 16.63 -16.06
N LYS D 138 16.53 16.65 -17.33
CA LYS D 138 15.73 17.25 -18.36
C LYS D 138 14.53 16.36 -18.68
N ALA D 139 14.70 15.03 -18.70
CA ALA D 139 13.59 14.12 -18.98
C ALA D 139 12.49 14.28 -17.91
N MET D 140 12.91 14.34 -16.65
CA MET D 140 12.04 14.48 -15.51
C MET D 140 11.31 15.79 -15.58
N ALA D 141 12.00 16.89 -15.91
CA ALA D 141 11.39 18.21 -16.03
C ALA D 141 10.32 18.28 -17.12
N LYS D 142 10.49 17.50 -18.19
CA LYS D 142 9.50 17.39 -19.28
C LYS D 142 8.25 16.72 -18.67
N SER D 143 8.41 15.58 -17.99
CA SER D 143 7.39 14.87 -17.24
C SER D 143 6.57 15.75 -16.30
N ILE D 144 7.29 16.54 -15.49
CA ILE D 144 6.71 17.50 -14.59
C ILE D 144 5.79 18.43 -15.38
N ALA D 145 6.27 19.04 -16.47
CA ALA D 145 5.46 20.00 -17.17
C ALA D 145 4.21 19.34 -17.78
N GLU D 146 4.27 18.11 -18.29
CA GLU D 146 3.07 17.46 -18.82
C GLU D 146 2.08 17.09 -17.71
N CYS D 147 2.51 16.61 -16.54
CA CYS D 147 1.62 16.32 -15.45
C CYS D 147 0.97 17.62 -14.98
N GLY D 148 1.68 18.73 -14.94
CA GLY D 148 1.11 20.03 -14.61
C GLY D 148 -0.01 20.39 -15.57
N GLN D 149 0.18 20.19 -16.86
CA GLN D 149 -0.83 20.52 -17.86
C GLN D 149 -2.11 19.69 -17.70
N ASP D 150 -1.99 18.40 -17.42
CA ASP D 150 -3.13 17.51 -17.21
C ASP D 150 -4.11 18.00 -16.14
N ALA D 151 -3.56 18.70 -15.17
CA ALA D 151 -4.32 19.17 -14.03
C ALA D 151 -4.33 20.68 -13.98
N HIS D 152 -3.84 21.34 -15.03
CA HIS D 152 -3.65 22.79 -15.07
C HIS D 152 -3.11 23.40 -13.77
N ALA D 153 -2.05 22.77 -13.24
CA ALA D 153 -1.36 23.20 -12.04
C ALA D 153 -0.04 23.87 -12.42
N SER D 154 0.24 25.07 -11.91
CA SER D 154 1.54 25.69 -12.18
C SER D 154 2.43 25.54 -10.97
N PHE D 155 3.68 25.26 -11.25
CA PHE D 155 4.66 25.13 -10.19
C PHE D 155 5.57 26.35 -10.24
N GLU D 156 6.08 26.66 -9.09
CA GLU D 156 7.01 27.72 -8.83
C GLU D 156 8.46 27.19 -8.97
N SER D 157 8.85 25.97 -8.58
CA SER D 157 10.22 25.53 -8.78
C SER D 157 10.32 24.01 -8.75
N SER D 158 11.35 23.31 -9.25
CA SER D 158 11.50 21.87 -9.05
C SER D 158 12.91 21.64 -8.54
N TRP D 159 13.06 20.70 -7.62
CA TRP D 159 14.34 20.41 -7.05
C TRP D 159 14.54 18.94 -7.38
N ILE D 160 15.52 18.56 -8.24
CA ILE D 160 15.80 17.16 -8.56
C ILE D 160 17.15 16.72 -7.95
N GLY D 161 17.22 15.51 -7.40
CA GLY D 161 18.39 14.94 -6.78
C GLY D 161 18.48 13.48 -7.17
N PHE D 162 19.69 12.92 -7.11
CA PHE D 162 20.01 11.57 -7.57
C PHE D 162 20.85 10.80 -6.55
N ALA D 163 20.79 9.48 -6.69
CA ALA D 163 21.62 8.59 -5.88
C ALA D 163 22.01 7.52 -6.88
N TYR D 164 23.19 6.91 -6.69
CA TYR D 164 23.56 5.78 -7.53
C TYR D 164 24.65 4.95 -6.88
N THR D 165 24.91 3.74 -7.34
CA THR D 165 26.08 2.98 -6.91
C THR D 165 26.53 2.22 -8.15
N MET D 166 27.83 1.93 -8.23
CA MET D 166 28.42 1.11 -9.29
C MET D 166 28.70 -0.20 -8.57
N MET D 167 28.32 -1.35 -9.10
CA MET D 167 28.52 -2.63 -8.44
C MET D 167 29.85 -3.31 -8.78
N GLU D 168 30.41 -4.02 -7.82
CA GLU D 168 31.56 -4.87 -8.09
C GLU D 168 31.05 -6.18 -8.70
N PRO D 169 31.82 -7.05 -9.39
CA PRO D 169 31.35 -8.29 -9.99
C PRO D 169 30.65 -9.16 -8.92
N GLY D 170 29.56 -9.84 -9.27
CA GLY D 170 28.82 -10.65 -8.32
C GLY D 170 28.10 -9.80 -7.26
N GLN D 171 27.71 -8.55 -7.50
CA GLN D 171 26.95 -7.80 -6.52
C GLN D 171 25.59 -7.43 -7.04
N ILE D 172 24.65 -7.23 -6.13
CA ILE D 172 23.30 -6.78 -6.45
C ILE D 172 23.23 -5.33 -5.95
N GLY D 173 22.74 -4.38 -6.74
CA GLY D 173 22.57 -3.01 -6.32
C GLY D 173 21.09 -2.70 -6.18
N ASN D 174 20.71 -1.80 -5.29
CA ASN D 174 19.33 -1.46 -5.09
C ASN D 174 19.28 0.02 -4.85
N ALA D 175 18.78 0.79 -5.80
CA ALA D 175 18.67 2.22 -5.67
C ALA D 175 17.19 2.50 -5.41
N ILE D 176 16.93 3.29 -4.36
CA ILE D 176 15.58 3.59 -3.94
C ILE D 176 15.39 5.11 -3.88
N THR D 177 14.15 5.50 -4.12
CA THR D 177 13.75 6.88 -4.01
C THR D 177 12.48 6.88 -3.15
N VAL D 178 12.59 7.49 -1.96
CA VAL D 178 11.53 7.62 -0.99
C VAL D 178 11.26 8.99 -0.35
N ALA D 179 10.00 9.38 -0.39
CA ALA D 179 9.50 10.54 0.34
C ALA D 179 8.57 10.05 1.47
N PRO D 180 9.00 10.02 2.75
CA PRO D 180 8.15 9.66 3.89
C PRO D 180 7.15 10.74 4.28
N TYR D 181 5.96 10.34 4.79
CA TYR D 181 4.96 11.29 5.31
C TYR D 181 4.85 10.96 6.78
N VAL D 182 5.25 11.92 7.62
CA VAL D 182 5.44 11.73 9.04
C VAL D 182 4.79 12.82 9.92
N SER D 183 4.78 12.60 11.23
CA SER D 183 4.31 13.55 12.23
C SER D 183 5.52 13.78 13.14
N LEU D 184 5.73 14.96 13.75
CA LEU D 184 6.95 15.33 14.46
C LEU D 184 6.83 15.24 15.97
N PRO D 185 7.79 14.71 16.73
CA PRO D 185 7.71 14.61 18.18
C PRO D 185 8.01 15.91 18.89
N ILE D 186 7.39 16.13 20.06
CA ILE D 186 7.53 17.38 20.81
C ILE D 186 8.96 17.75 21.16
N ASP D 187 9.79 16.80 21.55
CA ASP D 187 11.15 17.08 21.96
C ASP D 187 12.05 17.54 20.83
N SER D 188 11.60 17.49 19.56
CA SER D 188 12.35 18.02 18.44
C SER D 188 11.95 19.47 18.21
N ILE D 189 10.96 19.97 18.97
CA ILE D 189 10.41 21.29 18.78
C ILE D 189 10.82 22.11 19.99
N PRO D 190 11.78 23.03 19.88
CA PRO D 190 12.22 23.83 21.01
C PRO D 190 11.11 24.75 21.49
N GLY D 191 10.72 24.63 22.74
CA GLY D 191 9.62 25.45 23.24
C GLY D 191 8.25 24.85 22.93
N GLY D 192 8.19 23.63 22.43
CA GLY D 192 6.92 23.05 22.05
C GLY D 192 6.25 22.39 23.22
N SER D 193 4.95 22.15 23.07
CA SER D 193 4.16 21.46 24.06
C SER D 193 3.12 20.56 23.38
N ILE D 194 2.64 19.50 24.03
CA ILE D 194 1.58 18.66 23.43
C ILE D 194 0.26 19.44 23.46
N LEU D 195 0.16 20.43 24.37
CA LEU D 195 -0.99 21.31 24.53
C LEU D 195 -1.05 22.47 23.54
N THR D 196 0.00 22.75 22.75
CA THR D 196 -0.01 23.85 21.79
C THR D 196 0.27 23.39 20.35
N PRO D 197 -0.55 22.54 19.71
CA PRO D 197 -0.26 21.95 18.40
C PRO D 197 -0.06 22.94 17.24
N ASP D 198 -0.84 24.02 17.08
CA ASP D 198 -0.64 25.00 15.99
C ASP D 198 0.66 25.75 16.20
N LYS D 199 0.94 26.13 17.44
CA LYS D 199 2.13 26.88 17.80
C LYS D 199 3.33 25.99 17.50
N ASP D 200 3.25 24.69 17.81
CA ASP D 200 4.30 23.76 17.47
C ASP D 200 4.73 23.78 16.00
N MET D 201 3.79 23.88 15.07
CA MET D 201 4.13 23.88 13.67
C MET D 201 4.63 25.27 13.35
N GLU D 202 4.13 26.33 13.95
CA GLU D 202 4.67 27.65 13.67
C GLU D 202 6.12 27.77 14.14
N ILE D 203 6.54 27.18 15.26
CA ILE D 203 7.92 27.21 15.71
C ILE D 203 8.82 26.56 14.66
N MET D 204 8.44 25.40 14.12
CA MET D 204 9.26 24.73 13.11
C MET D 204 9.33 25.51 11.80
N GLU D 205 8.29 26.26 11.46
CA GLU D 205 8.30 27.08 10.27
C GLU D 205 9.29 28.22 10.37
N ASN D 206 9.37 28.86 11.53
CA ASN D 206 10.24 30.01 11.75
C ASN D 206 11.67 29.65 12.01
N LEU D 207 11.96 28.40 12.36
CA LEU D 207 13.32 28.01 12.54
C LEU D 207 13.90 27.60 11.20
N THR D 208 15.11 28.06 11.04
CA THR D 208 15.90 27.70 9.90
C THR D 208 16.70 26.48 10.40
N MET D 209 17.26 25.64 9.53
CA MET D 209 17.99 24.46 9.95
C MET D 209 19.21 24.72 10.86
N PRO D 210 20.12 25.69 10.64
CA PRO D 210 21.16 26.12 11.58
C PRO D 210 20.68 26.53 12.97
N GLU D 211 19.63 27.36 13.02
CA GLU D 211 19.00 27.77 14.27
C GLU D 211 18.48 26.56 15.00
N TRP D 212 17.81 25.61 14.34
CA TRP D 212 17.28 24.42 14.98
C TRP D 212 18.41 23.57 15.55
N LEU D 213 19.48 23.34 14.77
CA LEU D 213 20.66 22.60 15.22
C LEU D 213 21.23 23.28 16.46
N GLU D 214 21.37 24.63 16.46
CA GLU D 214 21.81 25.40 17.62
C GLU D 214 20.91 25.15 18.82
N LYS D 215 19.60 25.38 18.68
CA LYS D 215 18.65 25.13 19.76
C LYS D 215 18.72 23.73 20.30
N MET D 216 18.93 22.76 19.43
CA MET D 216 18.97 21.39 19.87
C MET D 216 20.31 20.94 20.39
N GLY D 217 21.39 21.67 20.13
CA GLY D 217 22.72 21.22 20.53
C GLY D 217 23.22 20.13 19.60
N TYR D 218 22.84 20.14 18.32
CA TYR D 218 23.28 19.12 17.39
C TYR D 218 24.38 19.64 16.47
N LYS D 219 25.36 18.78 16.18
CA LYS D 219 26.35 19.09 15.16
C LYS D 219 25.70 18.96 13.81
N SER D 220 26.07 19.78 12.86
CA SER D 220 25.59 19.60 11.51
C SER D 220 26.30 18.40 10.91
N LEU D 221 25.50 17.45 10.42
CA LEU D 221 25.95 16.29 9.68
C LEU D 221 26.19 16.68 8.22
N SER D 222 25.60 17.74 7.66
CA SER D 222 25.79 18.17 6.27
C SER D 222 26.99 19.05 5.96
N ALA D 223 27.40 19.81 6.97
CA ALA D 223 28.31 20.94 6.92
C ALA D 223 29.21 21.26 5.73
N ASN D 224 30.20 20.43 5.41
CA ASN D 224 31.11 20.86 4.36
C ASN D 224 31.04 19.79 3.31
N ASN D 225 29.87 19.71 2.67
CA ASN D 225 29.58 18.69 1.67
C ASN D 225 29.90 17.23 2.06
N ALA D 226 29.77 16.94 3.35
CA ALA D 226 30.01 15.61 3.88
C ALA D 226 29.12 14.49 3.37
N LEU D 227 27.81 14.70 3.18
CA LEU D 227 26.91 13.66 2.72
C LEU D 227 26.97 13.42 1.22
N LYS D 228 27.15 12.17 0.82
CA LYS D 228 27.21 11.78 -0.59
C LYS D 228 26.14 10.72 -0.74
N TYR D 229 25.44 10.64 -1.87
CA TYR D 229 24.34 9.71 -2.09
C TYR D 229 24.60 8.88 -3.36
N SER E 1 -30.54 2.93 6.18
CA SER E 1 -31.28 1.75 5.79
C SER E 1 -31.56 0.89 6.97
N GLU E 2 -32.45 -0.08 6.75
CA GLU E 2 -32.77 -1.10 7.73
C GLU E 2 -31.50 -1.92 7.98
N LEU E 3 -30.61 -1.97 6.96
CA LEU E 3 -29.33 -2.66 7.06
C LEU E 3 -28.50 -2.04 8.16
N ASP E 4 -28.49 -0.71 8.20
CA ASP E 4 -27.74 -0.01 9.21
C ASP E 4 -28.23 -0.32 10.62
N ALA E 5 -29.51 -0.64 10.82
CA ALA E 5 -29.98 -1.01 12.14
C ALA E 5 -29.37 -2.33 12.55
N LYS E 6 -29.28 -3.29 11.62
CA LYS E 6 -28.71 -4.61 11.91
C LYS E 6 -27.20 -4.54 12.15
N LEU E 7 -26.54 -3.68 11.38
CA LEU E 7 -25.10 -3.40 11.40
C LEU E 7 -24.66 -2.71 12.67
N ASN E 8 -25.40 -1.69 13.10
CA ASN E 8 -25.08 -0.96 14.33
C ASN E 8 -25.15 -1.81 15.56
N LYS E 9 -25.95 -2.88 15.54
CA LYS E 9 -26.01 -3.84 16.64
C LYS E 9 -24.74 -4.67 16.77
N LEU E 10 -23.91 -4.70 15.72
CA LEU E 10 -22.66 -5.43 15.70
C LEU E 10 -21.50 -4.49 16.00
N GLY E 11 -21.73 -3.20 16.18
CA GLY E 11 -20.67 -2.24 16.42
C GLY E 11 -20.26 -1.55 15.11
N VAL E 12 -20.88 -1.89 13.96
CA VAL E 12 -20.45 -1.38 12.67
C VAL E 12 -21.29 -0.18 12.28
N ASP E 13 -20.73 0.84 11.64
CA ASP E 13 -21.51 1.94 11.13
C ASP E 13 -20.88 2.23 9.79
N ARG E 14 -21.68 2.80 8.89
CA ARG E 14 -21.21 3.12 7.56
C ARG E 14 -21.11 4.62 7.36
N ILE E 15 -20.89 5.43 8.39
CA ILE E 15 -20.82 6.90 8.27
C ILE E 15 -19.45 7.30 7.69
N ALA E 16 -19.37 8.22 6.77
CA ALA E 16 -18.12 8.55 6.12
C ALA E 16 -18.18 10.04 5.77
N ILE E 17 -17.81 10.96 6.67
CA ILE E 17 -17.90 12.39 6.43
C ILE E 17 -16.48 13.02 6.41
N SER E 18 -16.21 13.90 5.46
CA SER E 18 -14.99 14.63 5.28
C SER E 18 -15.24 15.94 6.01
N PRO E 19 -14.30 16.48 6.76
CA PRO E 19 -14.42 17.81 7.33
C PRO E 19 -14.09 18.99 6.39
N TYR E 20 -13.69 18.72 5.15
CA TYR E 20 -13.24 19.75 4.25
C TYR E 20 -14.35 20.37 3.43
N LYS E 21 -14.14 21.62 3.05
CA LYS E 21 -15.01 22.29 2.10
C LYS E 21 -14.74 21.60 0.76
N GLN E 22 -15.82 21.23 0.06
CA GLN E 22 -15.88 20.70 -1.29
C GLN E 22 -15.29 19.35 -1.56
N TRP E 23 -14.17 18.98 -0.94
CA TRP E 23 -13.39 17.83 -1.30
C TRP E 23 -13.66 16.55 -0.52
N THR E 24 -13.58 15.41 -1.24
CA THR E 24 -13.65 14.12 -0.59
C THR E 24 -12.24 13.84 -0.05
N ARG E 25 -12.12 12.95 0.91
CA ARG E 25 -10.86 12.53 1.51
C ARG E 25 -10.87 11.01 1.50
N GLY E 26 -9.82 10.29 1.90
CA GLY E 26 -9.84 8.85 1.83
C GLY E 26 -10.11 8.29 3.21
N TYR E 27 -10.61 7.06 3.16
CA TYR E 27 -10.81 6.23 4.33
C TYR E 27 -9.47 6.15 5.07
N MET E 28 -9.54 6.27 6.38
CA MET E 28 -8.46 6.23 7.37
C MET E 28 -7.70 7.53 7.55
N GLU E 29 -7.91 8.58 6.75
CA GLU E 29 -7.23 9.84 6.97
C GLU E 29 -7.69 10.42 8.29
N PRO E 30 -6.85 11.10 9.07
CA PRO E 30 -7.22 11.59 10.39
C PRO E 30 -8.28 12.68 10.32
N GLY E 31 -9.38 12.71 11.10
CA GLY E 31 -10.23 13.88 11.05
C GLY E 31 -11.53 13.58 10.32
N ASN E 32 -11.67 12.44 9.66
CA ASN E 32 -12.91 12.08 9.02
C ASN E 32 -13.88 11.71 10.14
N ILE E 33 -15.18 11.89 9.94
CA ILE E 33 -16.13 11.53 10.98
C ILE E 33 -16.87 10.27 10.55
N GLY E 34 -16.89 9.29 11.44
CA GLY E 34 -17.56 8.04 11.21
C GLY E 34 -16.54 6.95 10.92
N ASN E 35 -16.97 5.70 10.85
CA ASN E 35 -16.04 4.60 10.68
C ASN E 35 -16.37 3.79 9.45
N GLY E 36 -17.15 4.32 8.51
CA GLY E 36 -17.44 3.59 7.30
C GLY E 36 -16.66 4.19 6.14
N TYR E 37 -17.04 3.84 4.92
CA TYR E 37 -16.47 4.39 3.71
C TYR E 37 -17.47 4.29 2.54
N VAL E 38 -17.21 5.08 1.51
CA VAL E 38 -17.97 5.09 0.29
C VAL E 38 -17.00 4.73 -0.87
N THR E 39 -17.43 4.02 -1.90
CA THR E 39 -16.56 3.65 -2.99
C THR E 39 -17.30 3.90 -4.30
N GLY E 40 -16.66 3.59 -5.42
CA GLY E 40 -17.19 3.88 -6.73
C GLY E 40 -16.35 3.19 -7.79
N LEU E 41 -16.63 3.43 -9.07
CA LEU E 41 -15.99 2.70 -10.15
C LEU E 41 -15.33 3.62 -11.17
N LYS E 42 -14.03 3.46 -11.42
CA LYS E 42 -13.32 4.25 -12.42
C LYS E 42 -12.46 3.33 -13.25
N VAL E 43 -12.72 3.26 -14.55
CA VAL E 43 -11.84 2.58 -15.47
C VAL E 43 -11.59 3.61 -16.56
N ASP E 44 -10.33 3.90 -16.83
CA ASP E 44 -9.97 4.85 -17.89
C ASP E 44 -8.63 4.47 -18.48
N ALA E 45 -8.28 4.99 -19.64
CA ALA E 45 -7.01 4.71 -20.30
C ALA E 45 -6.37 6.02 -20.66
N GLY E 46 -5.04 6.19 -20.56
CA GLY E 46 -4.37 7.42 -20.98
C GLY E 46 -3.16 7.10 -21.85
N VAL E 47 -2.70 8.01 -22.70
CA VAL E 47 -1.53 7.75 -23.54
C VAL E 47 -0.49 8.87 -23.39
N ARG E 48 0.75 8.58 -23.77
CA ARG E 48 1.84 9.55 -23.90
C ARG E 48 2.66 9.09 -25.12
N ASP E 49 3.33 9.98 -25.86
CA ASP E 49 4.23 9.52 -26.92
C ASP E 49 5.48 8.94 -26.24
N LYS E 50 6.02 7.84 -26.78
CA LYS E 50 7.14 7.15 -26.17
C LYS E 50 8.41 7.98 -26.09
N SER E 51 9.06 7.98 -24.95
CA SER E 51 10.32 8.68 -24.81
C SER E 51 11.33 7.56 -24.57
N ASP E 52 12.56 8.02 -24.34
CA ASP E 52 13.68 7.20 -23.90
C ASP E 52 13.41 6.47 -22.57
N ASP E 53 12.48 6.92 -21.73
CA ASP E 53 12.33 6.43 -20.38
C ASP E 53 10.98 5.82 -20.05
N ASP E 54 10.91 4.50 -19.84
CA ASP E 54 9.70 3.76 -19.47
C ASP E 54 9.03 4.18 -18.17
N VAL E 55 9.77 4.45 -17.10
CA VAL E 55 9.18 4.83 -15.85
C VAL E 55 8.39 6.13 -16.02
N LEU E 56 8.98 7.10 -16.72
CA LEU E 56 8.38 8.40 -16.92
C LEU E 56 7.20 8.33 -17.84
N ASP E 57 7.28 7.47 -18.85
CA ASP E 57 6.18 7.23 -19.76
C ASP E 57 5.03 6.63 -18.99
N GLY E 58 5.28 5.63 -18.14
CA GLY E 58 4.26 5.04 -17.30
C GLY E 58 3.65 6.06 -16.34
N ILE E 59 4.42 6.99 -15.77
CA ILE E 59 3.90 8.00 -14.86
C ILE E 59 2.95 8.99 -15.52
N VAL E 60 3.33 9.48 -16.71
CA VAL E 60 2.55 10.48 -17.43
C VAL E 60 1.31 9.85 -18.02
N SER E 61 1.40 8.66 -18.61
CA SER E 61 0.21 8.01 -19.17
C SER E 61 -0.73 7.66 -18.03
N TYR E 62 -0.21 7.27 -16.85
CA TYR E 62 -1.04 7.04 -15.66
C TYR E 62 -1.76 8.33 -15.25
N ASP E 63 -1.05 9.45 -15.11
CA ASP E 63 -1.60 10.72 -14.73
C ASP E 63 -2.67 11.13 -15.73
N ARG E 64 -2.46 10.88 -17.02
CA ARG E 64 -3.44 11.14 -18.05
C ARG E 64 -4.73 10.32 -17.83
N ALA E 65 -4.62 9.08 -17.41
CA ALA E 65 -5.76 8.24 -17.11
C ALA E 65 -6.47 8.75 -15.84
N GLU E 66 -5.77 9.19 -14.80
CA GLU E 66 -6.38 9.73 -13.57
C GLU E 66 -7.17 11.02 -13.73
N THR E 67 -6.75 11.78 -14.73
CA THR E 67 -7.22 13.10 -15.08
C THR E 67 -8.37 13.12 -16.07
N LYS E 68 -8.54 12.03 -16.80
CA LYS E 68 -9.61 11.84 -17.79
C LYS E 68 -10.88 11.39 -17.04
N ASN E 69 -12.03 11.91 -17.53
CA ASN E 69 -13.36 11.60 -16.98
C ASN E 69 -13.52 11.83 -15.49
N ALA E 70 -13.75 10.89 -14.55
CA ALA E 70 -13.97 11.24 -13.15
C ALA E 70 -12.62 11.69 -12.67
N TYR E 71 -12.52 12.94 -12.25
CA TYR E 71 -11.26 13.49 -11.80
C TYR E 71 -10.73 12.98 -10.47
N ILE E 72 -9.63 12.22 -10.52
CA ILE E 72 -8.92 11.84 -9.31
C ILE E 72 -7.44 12.28 -9.38
N GLY E 73 -7.12 13.34 -10.11
CA GLY E 73 -5.75 13.84 -10.17
C GLY E 73 -5.28 14.38 -8.83
N GLN E 74 -3.96 14.35 -8.66
CA GLN E 74 -3.20 14.89 -7.52
C GLN E 74 -3.47 14.27 -6.15
N ILE E 75 -3.67 12.95 -6.22
CA ILE E 75 -3.90 12.17 -5.03
C ILE E 75 -2.76 11.20 -4.87
N ASN E 76 -2.55 10.77 -3.64
CA ASN E 76 -1.59 9.75 -3.32
C ASN E 76 -2.40 8.47 -3.29
N MET E 77 -2.17 7.55 -4.21
CA MET E 77 -2.96 6.34 -4.26
C MET E 77 -2.23 5.22 -3.56
N THR E 78 -2.80 4.56 -2.54
CA THR E 78 -2.19 3.39 -1.91
C THR E 78 -2.97 2.17 -2.42
N THR E 79 -2.40 0.98 -2.58
CA THR E 79 -3.10 -0.16 -3.15
C THR E 79 -3.67 -1.17 -2.16
N ALA E 80 -4.93 -1.55 -2.36
CA ALA E 80 -5.60 -2.60 -1.61
C ALA E 80 -5.76 -3.69 -2.67
N SER E 81 -5.44 -4.93 -2.39
CA SER E 81 -5.61 -6.01 -3.34
C SER E 81 -6.30 -7.16 -2.61
N PHE F 2 -12.70 -5.54 -1.95
CA PHE F 2 -13.98 -5.80 -1.29
C PHE F 2 -14.57 -4.51 -0.72
N THR F 3 -15.91 -4.42 -0.75
CA THR F 3 -16.62 -3.35 -0.07
C THR F 3 -17.64 -4.11 0.79
N GLY F 4 -17.52 -3.96 2.11
CA GLY F 4 -18.26 -4.83 2.99
C GLY F 4 -19.21 -4.14 3.90
N VAL F 5 -19.16 -4.57 5.16
CA VAL F 5 -20.10 -4.06 6.16
C VAL F 5 -20.01 -2.58 6.38
N GLN F 6 -18.90 -1.91 6.04
CA GLN F 6 -18.73 -0.47 6.22
C GLN F 6 -19.04 0.33 4.96
N GLY F 7 -19.37 -0.27 3.81
CA GLY F 7 -19.42 0.54 2.61
C GLY F 7 -20.77 0.66 1.94
N ARG F 8 -20.78 1.72 1.13
CA ARG F 8 -21.86 2.03 0.22
C ARG F 8 -21.16 2.34 -1.10
N VAL F 9 -21.83 2.17 -2.25
CA VAL F 9 -21.30 2.39 -3.58
C VAL F 9 -22.05 3.53 -4.25
N ILE F 10 -21.34 4.52 -4.79
CA ILE F 10 -21.93 5.64 -5.48
C ILE F 10 -22.62 5.13 -6.71
N GLY F 11 -23.88 5.57 -6.79
CA GLY F 11 -24.75 5.29 -7.92
C GLY F 11 -25.61 4.05 -7.74
N TYR F 12 -25.47 3.37 -6.61
CA TYR F 12 -26.20 2.15 -6.31
C TYR F 12 -26.86 2.27 -4.94
N ASP F 13 -26.04 2.45 -3.92
CA ASP F 13 -26.47 2.57 -2.55
C ASP F 13 -26.72 4.00 -2.15
N ILE F 14 -25.94 4.95 -2.62
CA ILE F 14 -26.24 6.36 -2.38
C ILE F 14 -26.27 6.93 -3.78
N LEU F 15 -27.06 7.97 -4.01
CA LEU F 15 -27.21 8.64 -5.30
C LEU F 15 -27.48 7.68 -6.47
N ARG F 16 -28.40 6.75 -6.29
CA ARG F 16 -28.58 5.71 -7.28
C ARG F 16 -29.16 6.30 -8.55
N SER F 17 -28.51 5.80 -9.57
CA SER F 17 -28.82 6.11 -10.94
C SER F 17 -30.09 5.34 -11.33
N PRO F 18 -31.13 5.98 -11.86
CA PRO F 18 -32.25 5.32 -12.53
C PRO F 18 -31.86 4.32 -13.60
N GLU F 19 -30.71 4.46 -14.28
CA GLU F 19 -30.28 3.45 -15.26
C GLU F 19 -29.97 2.13 -14.57
N VAL F 20 -29.71 2.07 -13.27
CA VAL F 20 -29.50 0.80 -12.61
C VAL F 20 -30.80 0.01 -12.57
N ASP F 21 -31.92 0.71 -12.38
CA ASP F 21 -33.25 0.09 -12.29
C ASP F 21 -33.78 -0.31 -13.65
N LYS F 22 -33.59 0.49 -14.69
CA LYS F 22 -34.04 0.13 -16.04
C LYS F 22 -33.11 -0.90 -16.72
N ALA F 23 -31.95 -1.25 -16.18
CA ALA F 23 -31.01 -2.15 -16.85
C ALA F 23 -31.41 -3.62 -16.97
N LYS F 24 -31.24 -4.33 -18.07
CA LYS F 24 -31.50 -5.78 -18.13
C LYS F 24 -30.20 -6.58 -18.14
N PRO F 25 -30.11 -7.75 -17.51
CA PRO F 25 -28.89 -8.55 -17.44
C PRO F 25 -28.44 -8.99 -18.82
N LEU F 26 -27.14 -9.11 -19.04
CA LEU F 26 -26.60 -9.54 -20.32
C LEU F 26 -26.64 -11.06 -20.35
N PHE F 27 -26.41 -11.73 -19.23
CA PHE F 27 -26.48 -13.18 -19.14
C PHE F 27 -26.46 -13.52 -17.66
N THR F 28 -26.57 -14.77 -17.22
CA THR F 28 -26.43 -15.11 -15.81
C THR F 28 -25.37 -16.17 -15.65
N GLU F 29 -24.88 -16.34 -14.43
CA GLU F 29 -23.86 -17.31 -14.06
C GLU F 29 -24.43 -18.21 -12.98
N THR F 30 -24.11 -19.49 -12.84
CA THR F 30 -24.63 -20.22 -11.69
C THR F 30 -23.63 -20.17 -10.55
N GLN F 31 -24.15 -19.92 -9.36
CA GLN F 31 -23.32 -19.82 -8.20
C GLN F 31 -23.25 -21.18 -7.52
N TRP F 32 -22.43 -21.34 -6.48
CA TRP F 32 -22.21 -22.61 -5.80
C TRP F 32 -23.46 -23.14 -5.14
N ASP F 33 -24.34 -22.24 -4.74
CA ASP F 33 -25.55 -22.65 -4.09
C ASP F 33 -26.64 -22.90 -5.13
N GLY F 34 -26.35 -22.87 -6.43
CA GLY F 34 -27.38 -23.09 -7.43
C GLY F 34 -28.14 -21.85 -7.87
N SER F 35 -28.06 -20.69 -7.22
CA SER F 35 -28.75 -19.53 -7.77
C SER F 35 -28.09 -18.96 -8.99
N GLU F 36 -28.81 -18.15 -9.75
CA GLU F 36 -28.32 -17.53 -10.96
C GLU F 36 -27.80 -16.16 -10.58
N LEU F 37 -26.65 -15.72 -11.06
CA LEU F 37 -26.09 -14.42 -10.74
C LEU F 37 -26.37 -13.63 -12.02
N PRO F 38 -27.22 -12.61 -12.09
CA PRO F 38 -27.35 -11.78 -13.29
C PRO F 38 -26.13 -10.86 -13.49
N ILE F 39 -25.53 -10.83 -14.68
CA ILE F 39 -24.39 -9.94 -14.92
C ILE F 39 -24.88 -8.76 -15.73
N TYR F 40 -24.60 -7.52 -15.34
CA TYR F 40 -25.06 -6.36 -16.06
C TYR F 40 -23.82 -5.59 -16.52
N ASP F 41 -24.00 -4.57 -17.37
CA ASP F 41 -22.94 -3.70 -17.75
C ASP F 41 -22.86 -2.63 -16.67
N ALA F 42 -21.66 -2.28 -16.18
CA ALA F 42 -21.51 -1.29 -15.11
C ALA F 42 -21.52 0.18 -15.52
N LYS F 43 -21.87 0.50 -16.75
CA LYS F 43 -21.82 1.89 -17.17
C LYS F 43 -22.64 2.86 -16.32
N PRO F 44 -23.88 2.62 -15.83
CA PRO F 44 -24.57 3.59 -14.98
C PRO F 44 -23.76 3.93 -13.73
N LEU F 45 -23.01 2.96 -13.17
CA LEU F 45 -22.19 3.15 -11.99
C LEU F 45 -20.93 3.96 -12.31
N GLN F 46 -20.30 3.72 -13.46
CA GLN F 46 -19.13 4.50 -13.88
C GLN F 46 -19.50 5.96 -14.05
N ASP F 47 -20.63 6.15 -14.74
CA ASP F 47 -21.15 7.49 -15.01
C ASP F 47 -21.49 8.24 -13.74
N ALA F 48 -22.00 7.54 -12.72
CA ALA F 48 -22.37 8.20 -11.48
C ALA F 48 -21.14 8.81 -10.81
N LEU F 49 -19.99 8.11 -10.86
CA LEU F 49 -18.80 8.62 -10.19
C LEU F 49 -18.31 9.88 -10.87
N VAL F 50 -18.45 10.04 -12.19
CA VAL F 50 -18.01 11.29 -12.76
C VAL F 50 -19.05 12.36 -12.43
N GLU F 51 -20.34 12.09 -12.21
CA GLU F 51 -21.26 13.16 -11.75
C GLU F 51 -20.83 13.69 -10.38
N TYR F 52 -20.40 12.80 -9.50
CA TYR F 52 -20.04 13.20 -8.15
C TYR F 52 -18.69 13.91 -8.04
N PHE F 53 -17.64 13.33 -8.63
CA PHE F 53 -16.29 13.90 -8.58
C PHE F 53 -16.13 15.04 -9.55
N GLY F 54 -16.92 15.05 -10.60
CA GLY F 54 -16.74 16.05 -11.64
C GLY F 54 -15.58 15.63 -12.54
N THR F 55 -15.27 16.39 -13.57
CA THR F 55 -14.20 16.06 -14.46
C THR F 55 -13.14 17.15 -14.22
N GLU F 56 -12.01 17.15 -14.95
CA GLU F 56 -10.93 18.13 -14.71
C GLU F 56 -11.42 19.50 -15.09
N GLN F 57 -12.29 19.60 -16.08
CA GLN F 57 -12.77 20.90 -16.47
C GLN F 57 -13.98 21.30 -15.66
N ASP F 58 -14.63 20.41 -14.93
CA ASP F 58 -15.84 20.80 -14.22
C ASP F 58 -15.77 20.06 -12.92
N ARG F 59 -14.96 20.56 -12.02
CA ARG F 59 -14.57 19.80 -10.86
C ARG F 59 -15.68 19.89 -9.84
N ARG F 60 -16.07 18.82 -9.17
CA ARG F 60 -17.14 18.84 -8.20
C ARG F 60 -16.55 18.30 -6.88
N HIS F 61 -16.93 17.14 -6.31
CA HIS F 61 -16.45 16.78 -4.97
C HIS F 61 -15.32 15.78 -5.08
N TYR F 62 -14.31 16.19 -5.82
CA TYR F 62 -13.15 15.31 -6.08
C TYR F 62 -12.24 15.24 -4.86
N PRO F 63 -11.32 14.29 -4.80
CA PRO F 63 -10.44 14.11 -3.64
C PRO F 63 -9.53 15.33 -3.41
N ALA F 64 -9.26 15.71 -2.17
CA ALA F 64 -8.45 16.89 -1.89
C ALA F 64 -7.03 16.75 -2.50
N PRO F 65 -6.37 17.83 -2.91
CA PRO F 65 -5.02 17.75 -3.46
C PRO F 65 -4.03 17.33 -2.40
N GLY F 66 -3.40 16.20 -2.72
CA GLY F 66 -2.39 15.61 -1.89
C GLY F 66 -2.98 14.63 -0.88
N SER F 67 -4.26 14.24 -0.99
CA SER F 67 -4.84 13.35 0.01
C SER F 67 -4.38 11.93 -0.25
N PHE F 68 -4.44 11.07 0.76
CA PHE F 68 -4.12 9.69 0.60
C PHE F 68 -5.40 8.92 0.36
N ILE F 69 -5.68 8.43 -0.84
CA ILE F 69 -6.89 7.69 -1.12
C ILE F 69 -6.51 6.24 -1.44
N VAL F 70 -6.88 5.33 -0.56
CA VAL F 70 -6.70 3.90 -0.83
C VAL F 70 -7.70 3.45 -1.91
N CYS F 71 -7.17 2.62 -2.80
CA CYS F 71 -7.88 2.18 -3.97
C CYS F 71 -7.65 0.72 -4.25
N ALA F 72 -8.70 0.01 -4.64
CA ALA F 72 -8.55 -1.34 -5.19
C ALA F 72 -8.16 -0.97 -6.61
N ASN F 73 -6.90 -1.15 -7.02
CA ASN F 73 -6.51 -0.68 -8.34
C ASN F 73 -5.60 -1.68 -9.00
N LYS F 74 -5.64 -1.70 -10.32
CA LYS F 74 -4.81 -2.57 -11.14
C LYS F 74 -4.54 -1.69 -12.38
N GLY F 75 -3.59 -2.02 -13.24
CA GLY F 75 -3.31 -1.21 -14.43
C GLY F 75 -2.40 -1.98 -15.37
N VAL F 76 -2.33 -1.58 -16.64
CA VAL F 76 -1.44 -2.21 -17.62
C VAL F 76 -0.93 -1.17 -18.63
N THR F 77 0.35 -1.24 -18.99
CA THR F 77 0.90 -0.39 -20.02
C THR F 77 1.35 -1.26 -21.19
N ALA F 78 1.37 -0.70 -22.40
CA ALA F 78 1.92 -1.37 -23.57
C ALA F 78 2.32 -0.21 -24.47
N GLU F 79 3.30 -0.50 -25.31
CA GLU F 79 3.80 0.44 -26.30
C GLU F 79 3.48 0.01 -27.73
N ARG F 80 3.06 0.91 -28.60
CA ARG F 80 2.96 0.61 -30.03
C ARG F 80 4.26 1.20 -30.61
N PRO F 81 5.13 0.44 -31.31
CA PRO F 81 6.30 0.95 -32.04
C PRO F 81 6.05 2.03 -33.09
N LYS F 82 7.02 2.94 -33.29
CA LYS F 82 6.83 4.04 -34.24
C LYS F 82 6.79 3.52 -35.65
N ASN F 83 7.51 2.49 -36.01
CA ASN F 83 7.53 2.07 -37.40
C ASN F 83 8.19 0.70 -37.46
N ASP F 84 7.46 -0.23 -36.87
CA ASP F 84 7.93 -1.58 -36.84
C ASP F 84 6.71 -2.44 -36.98
N ALA F 85 6.93 -3.41 -37.86
CA ALA F 85 5.91 -4.40 -38.13
C ALA F 85 5.93 -5.47 -37.02
N ASP F 86 7.12 -5.88 -36.58
CA ASP F 86 7.25 -6.88 -35.55
C ASP F 86 7.06 -6.29 -34.15
N MET F 87 6.14 -6.90 -33.40
CA MET F 87 5.85 -6.48 -32.06
C MET F 87 6.49 -7.41 -31.04
N LYS F 88 7.33 -6.86 -30.19
CA LYS F 88 8.01 -7.61 -29.14
C LYS F 88 7.14 -7.75 -27.89
N PRO F 89 7.45 -8.63 -26.91
CA PRO F 89 6.89 -8.68 -25.56
C PRO F 89 6.12 -7.55 -24.88
N GLY F 90 6.57 -6.35 -24.52
CA GLY F 90 5.63 -5.45 -23.82
C GLY F 90 4.84 -4.52 -24.76
N GLN F 91 4.45 -5.07 -25.93
CA GLN F 91 3.95 -4.22 -26.99
C GLN F 91 2.64 -4.66 -27.56
N GLY F 92 1.86 -3.73 -28.13
CA GLY F 92 0.59 -4.11 -28.68
C GLY F 92 -0.04 -2.95 -29.34
N TYR F 93 -1.25 -3.14 -29.82
CA TYR F 93 -1.99 -2.11 -30.49
C TYR F 93 -2.95 -1.32 -29.60
N GLY F 94 -3.39 -1.89 -28.49
CA GLY F 94 -4.34 -1.20 -27.63
C GLY F 94 -4.19 -1.73 -26.25
N VAL F 95 -4.85 -1.10 -25.31
CA VAL F 95 -4.71 -1.49 -23.92
C VAL F 95 -6.12 -1.43 -23.31
N TRP F 96 -6.52 -2.38 -22.47
CA TRP F 96 -7.86 -2.36 -21.89
C TRP F 96 -7.86 -2.66 -20.40
N SER F 97 -8.82 -2.07 -19.67
CA SER F 97 -9.06 -2.37 -18.26
C SER F 97 -10.53 -2.68 -17.96
N ALA F 98 -10.76 -3.34 -16.82
CA ALA F 98 -12.09 -3.77 -16.41
C ALA F 98 -12.30 -3.79 -14.89
N ILE F 99 -13.54 -3.48 -14.50
CA ILE F 99 -13.94 -3.57 -13.09
C ILE F 99 -15.32 -4.22 -13.03
N ALA F 100 -15.49 -5.11 -12.06
CA ALA F 100 -16.73 -5.77 -11.78
C ALA F 100 -17.04 -5.60 -10.27
N ILE F 101 -18.24 -5.15 -9.91
CA ILE F 101 -18.71 -5.11 -8.52
C ILE F 101 -19.81 -6.19 -8.34
N SER F 102 -19.75 -7.03 -7.34
CA SER F 102 -20.74 -8.08 -7.15
C SER F 102 -21.35 -7.82 -5.78
N PHE F 103 -22.66 -7.53 -5.73
CA PHE F 103 -23.31 -7.22 -4.47
C PHE F 103 -23.72 -8.44 -3.67
N ALA F 104 -23.37 -8.51 -2.38
CA ALA F 104 -23.65 -9.69 -1.57
C ALA F 104 -25.18 -9.76 -1.28
N LYS F 105 -25.78 -10.96 -1.34
CA LYS F 105 -27.19 -11.14 -0.96
C LYS F 105 -27.37 -10.83 0.53
N ASP F 106 -26.46 -11.23 1.40
CA ASP F 106 -26.55 -10.86 2.79
C ASP F 106 -25.37 -9.97 3.22
N PRO F 107 -25.41 -8.65 3.12
CA PRO F 107 -24.33 -7.75 3.49
C PRO F 107 -24.00 -7.71 4.98
N THR F 108 -24.70 -8.42 5.86
CA THR F 108 -24.29 -8.40 7.26
C THR F 108 -23.31 -9.52 7.44
N LYS F 109 -23.25 -10.51 6.53
CA LYS F 109 -22.31 -11.61 6.72
C LYS F 109 -21.24 -11.62 5.66
N ASP F 110 -21.60 -11.31 4.44
CA ASP F 110 -20.69 -11.42 3.33
C ASP F 110 -20.34 -10.05 2.82
N SER F 111 -19.08 -9.90 2.47
CA SER F 111 -18.68 -8.70 1.78
C SER F 111 -19.06 -8.80 0.30
N SER F 112 -19.33 -7.63 -0.25
CA SER F 112 -19.47 -7.42 -1.67
C SER F 112 -18.07 -7.39 -2.27
N MET F 113 -17.92 -7.75 -3.53
CA MET F 113 -16.59 -7.95 -4.08
C MET F 113 -16.28 -7.27 -5.40
N PHE F 114 -15.06 -6.79 -5.53
CA PHE F 114 -14.55 -6.25 -6.77
C PHE F 114 -13.65 -7.31 -7.43
N VAL F 115 -13.78 -7.46 -8.73
CA VAL F 115 -12.78 -8.17 -9.49
C VAL F 115 -12.32 -7.16 -10.54
N GLU F 116 -11.02 -7.05 -10.73
CA GLU F 116 -10.42 -6.15 -11.70
C GLU F 116 -9.57 -6.94 -12.70
N ASP F 117 -9.40 -6.46 -13.92
CA ASP F 117 -8.62 -7.16 -14.90
C ASP F 117 -8.09 -6.08 -15.84
N ALA F 118 -7.05 -6.38 -16.62
CA ALA F 118 -6.43 -5.45 -17.55
C ALA F 118 -5.55 -6.29 -18.49
N GLY F 119 -5.36 -5.91 -19.75
CA GLY F 119 -4.54 -6.64 -20.68
C GLY F 119 -4.20 -5.79 -21.92
N VAL F 120 -3.36 -6.41 -22.78
CA VAL F 120 -2.88 -5.80 -24.02
C VAL F 120 -3.62 -6.40 -25.21
N TRP F 121 -4.01 -5.56 -26.17
CA TRP F 121 -4.70 -6.03 -27.34
C TRP F 121 -3.72 -6.09 -28.50
N GLU F 122 -3.67 -7.24 -29.16
CA GLU F 122 -2.73 -7.47 -30.25
C GLU F 122 -3.26 -7.50 -31.68
N THR F 123 -4.34 -6.82 -32.07
CA THR F 123 -4.67 -6.68 -33.47
C THR F 123 -5.00 -5.18 -33.61
N PRO F 124 -4.87 -4.54 -34.77
CA PRO F 124 -5.20 -3.12 -34.92
C PRO F 124 -6.70 -2.85 -35.06
N ASN F 125 -7.54 -3.88 -35.00
CA ASN F 125 -8.94 -3.70 -35.27
C ASN F 125 -9.73 -3.61 -33.97
N GLU F 126 -10.38 -2.47 -33.85
CA GLU F 126 -11.18 -2.14 -32.68
C GLU F 126 -12.43 -3.00 -32.50
N ASP F 127 -13.11 -3.42 -33.57
CA ASP F 127 -14.26 -4.29 -33.44
C ASP F 127 -13.89 -5.66 -32.88
N GLU F 128 -12.68 -6.11 -33.21
CA GLU F 128 -12.15 -7.33 -32.64
C GLU F 128 -11.87 -7.14 -31.15
N LEU F 129 -11.32 -6.00 -30.70
CA LEU F 129 -11.15 -5.76 -29.26
C LEU F 129 -12.50 -5.75 -28.56
N LEU F 130 -13.52 -5.11 -29.13
CA LEU F 130 -14.84 -5.14 -28.52
C LEU F 130 -15.42 -6.56 -28.45
N GLU F 131 -15.25 -7.47 -29.44
CA GLU F 131 -15.74 -8.83 -29.27
C GLU F 131 -14.98 -9.55 -28.14
N TYR F 132 -13.69 -9.31 -28.03
CA TYR F 132 -12.90 -9.95 -27.00
C TYR F 132 -13.34 -9.49 -25.61
N LEU F 133 -13.69 -8.21 -25.49
CA LEU F 133 -14.14 -7.66 -24.22
C LEU F 133 -15.46 -8.28 -23.77
N GLU F 134 -16.40 -8.54 -24.69
CA GLU F 134 -17.60 -9.27 -24.34
C GLU F 134 -17.21 -10.63 -23.82
N GLY F 135 -16.17 -11.28 -24.34
CA GLY F 135 -15.70 -12.54 -23.78
C GLY F 135 -15.05 -12.39 -22.42
N ARG F 136 -14.47 -11.24 -22.08
CA ARG F 136 -13.88 -11.05 -20.76
C ARG F 136 -14.96 -10.98 -19.67
N ARG F 137 -16.13 -10.35 -19.86
CA ARG F 137 -17.25 -10.43 -18.90
C ARG F 137 -17.56 -11.86 -18.44
N LYS F 138 -17.61 -12.83 -19.38
CA LYS F 138 -17.86 -14.21 -19.05
C LYS F 138 -16.71 -14.76 -18.22
N ALA F 139 -15.46 -14.40 -18.60
CA ALA F 139 -14.28 -14.82 -17.87
C ALA F 139 -14.30 -14.31 -16.45
N MET F 140 -14.69 -13.05 -16.31
CA MET F 140 -14.73 -12.41 -14.99
C MET F 140 -15.83 -12.99 -14.16
N ALA F 141 -16.95 -13.34 -14.79
CA ALA F 141 -18.09 -13.93 -14.10
C ALA F 141 -17.77 -15.32 -13.58
N LYS F 142 -16.98 -16.10 -14.30
CA LYS F 142 -16.53 -17.38 -13.78
C LYS F 142 -15.59 -17.15 -12.59
N SER F 143 -14.76 -16.10 -12.59
CA SER F 143 -13.85 -15.77 -11.49
C SER F 143 -14.64 -15.44 -10.23
N ILE F 144 -15.68 -14.59 -10.41
CA ILE F 144 -16.55 -14.19 -9.32
C ILE F 144 -17.22 -15.40 -8.67
N ALA F 145 -17.73 -16.29 -9.50
CA ALA F 145 -18.40 -17.47 -9.03
C ALA F 145 -17.41 -18.32 -8.23
N GLU F 146 -16.17 -18.50 -8.68
CA GLU F 146 -15.19 -19.28 -7.92
C GLU F 146 -14.74 -18.62 -6.60
N CYS F 147 -14.50 -17.31 -6.60
CA CYS F 147 -14.16 -16.62 -5.38
C CYS F 147 -15.30 -16.70 -4.38
N GLY F 148 -16.53 -16.62 -4.88
CA GLY F 148 -17.74 -16.69 -4.08
C GLY F 148 -17.80 -18.01 -3.36
N GLN F 149 -17.55 -19.09 -4.08
CA GLN F 149 -17.52 -20.42 -3.48
C GLN F 149 -16.45 -20.61 -2.41
N ASP F 150 -15.31 -19.93 -2.57
CA ASP F 150 -14.23 -19.99 -1.59
C ASP F 150 -14.66 -19.53 -0.21
N ALA F 151 -15.48 -18.50 -0.15
CA ALA F 151 -15.91 -17.95 1.11
C ALA F 151 -17.39 -18.24 1.33
N HIS F 152 -17.98 -19.11 0.53
CA HIS F 152 -19.42 -19.33 0.53
C HIS F 152 -20.27 -18.06 0.58
N ALA F 153 -19.96 -17.09 -0.29
CA ALA F 153 -20.70 -15.85 -0.37
C ALA F 153 -21.60 -15.97 -1.58
N SER F 154 -22.85 -15.57 -1.43
CA SER F 154 -23.78 -15.60 -2.54
C SER F 154 -24.02 -14.16 -2.99
N PHE F 155 -24.18 -13.92 -4.26
CA PHE F 155 -24.29 -12.57 -4.75
C PHE F 155 -25.61 -12.42 -5.51
N GLU F 156 -26.07 -11.21 -5.45
CA GLU F 156 -27.29 -10.74 -6.07
C GLU F 156 -27.12 -10.35 -7.54
N SER F 157 -26.08 -9.59 -7.90
CA SER F 157 -25.85 -9.13 -9.28
C SER F 157 -24.39 -8.69 -9.41
N SER F 158 -23.81 -8.71 -10.63
CA SER F 158 -22.48 -8.19 -10.89
C SER F 158 -22.63 -7.18 -12.01
N TRP F 159 -21.88 -6.11 -11.90
CA TRP F 159 -21.91 -5.02 -12.85
C TRP F 159 -20.45 -4.93 -13.32
N ILE F 160 -20.22 -5.28 -14.59
CA ILE F 160 -18.91 -5.31 -15.26
C ILE F 160 -18.80 -4.24 -16.35
N GLY F 161 -17.75 -3.41 -16.30
CA GLY F 161 -17.51 -2.33 -17.24
C GLY F 161 -16.06 -2.30 -17.67
N PHE F 162 -15.79 -1.67 -18.80
CA PHE F 162 -14.49 -1.64 -19.47
C PHE F 162 -14.04 -0.27 -19.91
N ALA F 163 -12.72 -0.04 -20.00
CA ALA F 163 -12.15 1.18 -20.60
C ALA F 163 -11.13 0.64 -21.60
N TYR F 164 -10.84 1.36 -22.68
CA TYR F 164 -9.73 0.93 -23.53
C TYR F 164 -9.24 2.11 -24.34
N THR F 165 -8.05 1.93 -24.95
CA THR F 165 -7.58 2.87 -25.95
C THR F 165 -6.76 2.08 -26.96
N MET F 166 -6.74 2.61 -28.19
CA MET F 166 -5.97 2.08 -29.31
C MET F 166 -4.81 3.05 -29.49
N MET F 167 -3.56 2.60 -29.51
CA MET F 167 -2.44 3.52 -29.65
C MET F 167 -2.11 3.86 -31.09
N GLU F 168 -1.74 5.12 -31.29
CA GLU F 168 -1.11 5.56 -32.54
C GLU F 168 0.33 5.03 -32.54
N PRO F 169 1.08 4.86 -33.67
CA PRO F 169 2.47 4.37 -33.68
C PRO F 169 3.36 5.23 -32.78
N GLY F 170 4.18 4.59 -31.94
CA GLY F 170 5.07 5.32 -31.05
C GLY F 170 4.38 5.94 -29.85
N GLN F 171 3.31 5.33 -29.34
CA GLN F 171 2.63 5.84 -28.17
C GLN F 171 2.62 4.74 -27.15
N ILE F 172 2.64 5.12 -25.89
CA ILE F 172 2.46 4.16 -24.81
C ILE F 172 1.07 4.42 -24.19
N GLY F 173 0.31 3.34 -24.01
CA GLY F 173 -1.03 3.42 -23.44
C GLY F 173 -1.02 2.78 -22.07
N ASN F 174 -1.79 3.38 -21.18
CA ASN F 174 -1.93 2.91 -19.79
C ASN F 174 -3.40 2.73 -19.48
N ALA F 175 -3.91 1.56 -19.12
CA ALA F 175 -5.33 1.40 -18.84
C ALA F 175 -5.41 1.01 -17.39
N ILE F 176 -6.13 1.83 -16.61
CA ILE F 176 -6.20 1.64 -15.16
C ILE F 176 -7.62 1.33 -14.74
N THR F 177 -7.76 0.60 -13.65
CA THR F 177 -9.04 0.21 -13.08
C THR F 177 -8.88 0.47 -11.59
N VAL F 178 -9.73 1.37 -11.07
CA VAL F 178 -9.69 1.85 -9.70
C VAL F 178 -11.04 2.10 -9.03
N ALA F 179 -11.10 1.59 -7.80
CA ALA F 179 -12.24 1.72 -6.88
C ALA F 179 -11.68 2.49 -5.68
N PRO F 180 -11.88 3.80 -5.55
CA PRO F 180 -11.44 4.62 -4.43
C PRO F 180 -12.26 4.40 -3.16
N TYR F 181 -11.72 4.56 -1.95
CA TYR F 181 -12.54 4.47 -0.74
C TYR F 181 -12.44 5.83 -0.06
N VAL F 182 -13.57 6.55 -0.05
CA VAL F 182 -13.68 7.95 0.36
C VAL F 182 -14.67 8.32 1.48
N SER F 183 -14.53 9.58 1.92
CA SER F 183 -15.32 10.33 2.88
C SER F 183 -16.05 11.43 2.13
N LEU F 184 -17.33 11.71 2.38
CA LEU F 184 -18.08 12.72 1.64
C LEU F 184 -18.10 14.07 2.34
N PRO F 185 -17.90 15.22 1.66
CA PRO F 185 -17.95 16.51 2.32
C PRO F 185 -19.40 16.89 2.60
N ILE F 186 -19.60 17.69 3.66
CA ILE F 186 -20.90 18.14 4.10
C ILE F 186 -21.58 18.91 3.00
N ASP F 187 -20.88 19.76 2.27
CA ASP F 187 -21.60 20.53 1.28
C ASP F 187 -22.00 19.71 0.07
N SER F 188 -21.72 18.41 -0.05
CA SER F 188 -22.28 17.69 -1.18
C SER F 188 -23.62 17.13 -0.74
N ILE F 189 -24.01 17.36 0.53
CA ILE F 189 -25.20 16.79 1.15
C ILE F 189 -26.24 17.88 1.36
N PRO F 190 -27.27 17.96 0.50
CA PRO F 190 -28.40 18.89 0.66
C PRO F 190 -28.99 18.68 2.06
N GLY F 191 -28.94 19.66 2.95
CA GLY F 191 -29.49 19.49 4.27
C GLY F 191 -28.50 18.92 5.26
N GLY F 192 -27.25 18.64 4.91
CA GLY F 192 -26.35 18.00 5.85
C GLY F 192 -25.80 19.00 6.86
N SER F 193 -25.29 18.46 7.96
CA SER F 193 -24.70 19.26 8.98
C SER F 193 -23.59 18.38 9.46
N ILE F 194 -22.46 18.96 9.85
CA ILE F 194 -21.36 18.23 10.49
C ILE F 194 -21.83 17.63 11.82
N LEU F 195 -22.88 18.24 12.39
CA LEU F 195 -23.45 17.87 13.66
C LEU F 195 -24.41 16.70 13.51
N THR F 196 -24.78 16.29 12.28
CA THR F 196 -25.70 15.18 12.14
C THR F 196 -25.14 14.07 11.25
N PRO F 197 -24.03 13.38 11.54
CA PRO F 197 -23.37 12.57 10.54
C PRO F 197 -24.18 11.34 10.12
N ASP F 198 -24.90 10.74 11.06
CA ASP F 198 -25.84 9.65 10.80
C ASP F 198 -26.96 10.07 9.82
N LYS F 199 -27.54 11.24 10.01
CA LYS F 199 -28.63 11.71 9.16
C LYS F 199 -28.08 11.97 7.76
N ASP F 200 -26.87 12.57 7.69
CA ASP F 200 -26.21 12.89 6.43
C ASP F 200 -26.05 11.66 5.52
N MET F 201 -25.73 10.47 6.03
CA MET F 201 -25.62 9.31 5.17
C MET F 201 -27.00 8.93 4.67
N GLU F 202 -28.03 9.14 5.50
CA GLU F 202 -29.41 8.82 5.13
C GLU F 202 -29.95 9.68 4.02
N ILE F 203 -29.59 10.97 4.08
CA ILE F 203 -30.01 11.89 3.05
C ILE F 203 -29.49 11.40 1.71
N MET F 204 -28.23 10.95 1.61
CA MET F 204 -27.64 10.51 0.35
C MET F 204 -28.18 9.15 -0.13
N GLU F 205 -28.53 8.26 0.80
CA GLU F 205 -29.20 7.00 0.48
C GLU F 205 -30.53 7.29 -0.18
N ASN F 206 -31.26 8.29 0.31
CA ASN F 206 -32.56 8.61 -0.21
C ASN F 206 -32.54 9.46 -1.44
N LEU F 207 -31.47 10.15 -1.79
CA LEU F 207 -31.48 10.88 -3.04
C LEU F 207 -31.05 9.98 -4.16
N THR F 208 -31.75 10.21 -5.24
CA THR F 208 -31.48 9.64 -6.53
C THR F 208 -30.43 10.58 -7.17
N MET F 209 -29.60 10.13 -8.11
CA MET F 209 -28.65 11.02 -8.79
C MET F 209 -29.35 12.21 -9.50
N PRO F 210 -30.35 12.15 -10.38
CA PRO F 210 -31.11 13.33 -10.84
C PRO F 210 -31.57 14.28 -9.74
N GLU F 211 -32.10 13.78 -8.61
CA GLU F 211 -32.57 14.61 -7.52
C GLU F 211 -31.42 15.35 -6.86
N TRP F 212 -30.26 14.72 -6.69
CA TRP F 212 -29.08 15.33 -6.11
C TRP F 212 -28.55 16.35 -7.10
N LEU F 213 -28.43 16.06 -8.40
CA LEU F 213 -27.98 17.00 -9.41
C LEU F 213 -28.82 18.28 -9.31
N GLU F 214 -30.15 18.12 -9.32
CA GLU F 214 -31.10 19.22 -9.22
C GLU F 214 -30.95 19.98 -7.91
N LYS F 215 -30.93 19.35 -6.73
CA LYS F 215 -30.74 20.10 -5.50
C LYS F 215 -29.40 20.79 -5.43
N MET F 216 -28.37 20.38 -6.17
CA MET F 216 -27.06 21.01 -6.09
C MET F 216 -26.93 22.04 -7.18
N GLY F 217 -27.80 22.00 -8.17
CA GLY F 217 -27.77 22.96 -9.26
C GLY F 217 -26.70 22.57 -10.27
N TYR F 218 -26.44 21.28 -10.41
CA TYR F 218 -25.42 20.77 -11.31
C TYR F 218 -26.07 20.25 -12.57
N LYS F 219 -25.46 20.50 -13.72
CA LYS F 219 -25.90 19.88 -14.96
C LYS F 219 -25.48 18.41 -14.91
N SER F 220 -26.09 17.51 -15.67
CA SER F 220 -25.68 16.11 -15.76
C SER F 220 -24.62 15.97 -16.83
N LEU F 221 -23.44 15.54 -16.41
CA LEU F 221 -22.30 15.22 -17.27
C LEU F 221 -22.55 13.92 -18.03
N SER F 222 -23.42 12.99 -17.62
CA SER F 222 -23.70 11.74 -18.31
C SER F 222 -24.76 11.85 -19.41
N ALA F 223 -25.80 12.64 -19.08
CA ALA F 223 -26.99 12.88 -19.86
C ALA F 223 -27.33 12.03 -21.07
N ASN F 224 -26.74 12.22 -22.25
CA ASN F 224 -27.25 11.45 -23.38
C ASN F 224 -26.08 10.65 -23.83
N ASN F 225 -25.75 9.64 -23.01
CA ASN F 225 -24.56 8.79 -23.18
C ASN F 225 -23.29 9.54 -23.56
N ALA F 226 -23.13 10.70 -22.94
CA ALA F 226 -22.03 11.61 -23.23
C ALA F 226 -20.61 11.14 -22.90
N LEU F 227 -20.48 10.21 -21.95
CA LEU F 227 -19.19 9.77 -21.45
C LEU F 227 -18.70 8.49 -22.10
N LYS F 228 -17.50 8.49 -22.63
CA LYS F 228 -16.90 7.30 -23.21
C LYS F 228 -15.70 6.91 -22.36
N TYR F 229 -15.37 5.63 -22.21
CA TYR F 229 -14.24 5.18 -21.43
C TYR F 229 -13.35 4.29 -22.34
#